data_6PHC
#
_entry.id   6PHC
#
_cell.length_a   141.220
_cell.length_b   141.220
_cell.length_c   164.370
_cell.angle_alpha   90.00
_cell.angle_beta   90.00
_cell.angle_gamma   120.00
#
_symmetry.space_group_name_H-M   'P 31 2 1'
#
loop_
_entity.id
_entity.type
_entity.pdbx_description
1 polymer '25 kDa ookinete surface antigen'
2 polymer '2544 Antibody Fab, Heavy Chain'
3 polymer '2544 Antibody Fab, Light Chain'
4 non-polymer GLYCEROL
#
loop_
_entity_poly.entity_id
_entity_poly.type
_entity_poly.pdbx_seq_one_letter_code
_entity_poly.pdbx_strand_id
1 'polypeptide(L)'
;ETGAKVTVDTVCKRGFLIQMSGHLECKCENDLVLVNEETCEEKVLKCDEKTVNKPCGDFSKCIKIDGNPVSYACKCNLGY
DMVNNVCIPNECKQVTCGNGKCILDTSNPVKTGVCSCNIGKVPNVQDQNKCSKDGETKCSLKCLKEQETCKAVDGIYKCD
CKDGFIIDQESSICTGTKHHHHHH
;
I,E
2 'polypeptide(L)'
;EVQLVESGGGLVQPGGSLRLSCVASGFTFSNYNMNWVRQAPGKGLEWLSYISSSSGTIYYADSVKGRFTISRDNAKNSMY
LQMNSLRAEDTAVYYCVRVEYYYGSSGYYYDFDSWGQGTLVTVSSASTKGPSVFPLAPSSKSTSGGTAALGCLVKDYFPE
PVTVSWNSGALTSGVHTFPAVLQSSGLYSLSSVVTVPSSSLGTQTYICNVNHKPSNTKVDKKVEPKSC
;
A,C
3 'polypeptide(L)'
;DIVMTQSPLSLPVTPGEPASISCRSSQSLLHNGYNYLDWYLQKPGQSPQLLIYLGSNRASGVPDRFSGSGSGTDFTLKIS
RVEAEDVGVYYCMQTLQPFTFGQGTRLEIKRTVAAPSVFIFPPSDEQLKSGTASVVCLLNNFYPREAKVQWKVDNALQSG
NSQESVTEQDSKDSTYSLSSTLTLSKADYEKHKVYACEVTHQGLSSPVTKSFNRGEC
;
B,D
#
loop_
_chem_comp.id
_chem_comp.type
_chem_comp.name
_chem_comp.formula
GOL non-polymer GLYCEROL 'C3 H8 O3'
#
# COMPACT_ATOMS: atom_id res chain seq x y z
N ALA A 4 -10.90 16.11 14.94
CA ALA A 4 -12.34 15.96 14.71
C ALA A 4 -12.94 17.28 14.23
N LYS A 5 -13.28 17.36 12.94
CA LYS A 5 -13.78 18.59 12.34
C LYS A 5 -15.14 18.33 11.70
N VAL A 6 -16.14 19.09 12.15
CA VAL A 6 -17.48 19.06 11.57
C VAL A 6 -17.57 20.11 10.48
N THR A 7 -18.20 19.75 9.36
CA THR A 7 -18.36 20.65 8.23
C THR A 7 -19.82 21.02 8.05
N VAL A 8 -20.06 21.97 7.14
CA VAL A 8 -21.43 22.38 6.84
C VAL A 8 -22.21 21.25 6.18
N ASP A 9 -21.54 20.24 5.65
CA ASP A 9 -22.19 19.11 5.03
C ASP A 9 -22.31 17.92 5.98
N THR A 10 -21.93 18.09 7.24
CA THR A 10 -22.10 17.02 8.23
C THR A 10 -23.58 16.77 8.46
N VAL A 11 -23.95 15.48 8.53
CA VAL A 11 -25.31 15.07 8.86
C VAL A 11 -25.30 14.60 10.31
N CYS A 12 -25.82 15.42 11.20
CA CYS A 12 -25.91 15.06 12.61
C CYS A 12 -27.04 14.05 12.80
N LYS A 13 -26.71 12.87 13.32
CA LYS A 13 -27.70 11.83 13.54
C LYS A 13 -28.52 12.16 14.78
N ARG A 14 -29.82 12.34 14.61
CA ARG A 14 -30.71 12.78 15.68
C ARG A 14 -30.21 14.08 16.31
N GLY A 15 -29.84 15.01 15.44
CA GLY A 15 -29.34 16.30 15.86
C GLY A 15 -29.33 17.28 14.71
N PHE A 16 -28.80 18.46 14.97
CA PHE A 16 -28.75 19.52 13.97
C PHE A 16 -27.49 20.34 14.13
N LEU A 17 -27.08 20.99 13.04
CA LEU A 17 -25.87 21.81 13.05
C LEU A 17 -26.12 23.15 13.71
N ILE A 18 -25.17 23.57 14.55
CA ILE A 18 -25.16 24.92 15.11
C ILE A 18 -23.80 25.53 14.83
N GLN A 19 -23.76 26.86 14.76
CA GLN A 19 -22.54 27.59 14.48
C GLN A 19 -22.31 28.64 15.56
N MET A 20 -21.09 28.70 16.07
CA MET A 20 -20.64 29.80 16.91
C MET A 20 -19.50 30.52 16.18
N SER A 21 -19.06 31.63 16.79
CA SER A 21 -18.18 32.61 16.18
C SER A 21 -17.04 31.98 15.38
N GLY A 22 -16.51 30.87 15.88
CA GLY A 22 -15.37 30.26 15.22
C GLY A 22 -15.49 28.79 14.89
N HIS A 23 -16.66 28.18 14.98
CA HIS A 23 -16.73 26.74 14.70
C HIS A 23 -18.18 26.30 14.50
N LEU A 24 -18.32 25.03 14.17
CA LEU A 24 -19.60 24.34 14.01
C LEU A 24 -19.63 23.12 14.92
N GLU A 25 -20.81 22.74 15.36
CA GLU A 25 -20.97 21.49 16.10
C GLU A 25 -22.36 20.93 15.85
N CYS A 26 -22.57 19.71 16.34
CA CYS A 26 -23.89 19.08 16.34
C CYS A 26 -24.52 19.20 17.72
N LYS A 27 -25.78 19.64 17.75
CA LYS A 27 -26.57 19.71 18.96
C LYS A 27 -27.66 18.65 18.87
N CYS A 28 -27.85 17.90 19.96
CA CYS A 28 -28.74 16.75 19.94
C CYS A 28 -30.20 17.17 20.08
N GLU A 29 -31.06 16.37 19.46
CA GLU A 29 -32.51 16.56 19.60
C GLU A 29 -32.94 16.17 21.01
N ASN A 30 -33.97 16.86 21.50
CA ASN A 30 -34.60 16.53 22.78
C ASN A 30 -33.56 16.44 23.89
N ASP A 31 -33.47 15.29 24.54
CA ASP A 31 -32.50 15.09 25.61
C ASP A 31 -31.54 13.95 25.26
N LEU A 32 -30.98 13.98 24.06
CA LEU A 32 -30.01 12.98 23.65
C LEU A 32 -28.59 13.47 23.94
N VAL A 33 -27.64 12.55 23.83
CA VAL A 33 -26.26 12.80 24.24
C VAL A 33 -25.35 12.45 23.08
N LEU A 34 -24.28 13.23 22.92
CA LEU A 34 -23.33 12.99 21.85
C LEU A 34 -22.51 11.73 22.12
N VAL A 35 -22.53 10.81 21.16
CA VAL A 35 -21.68 9.62 21.22
C VAL A 35 -20.39 9.83 20.45
N ASN A 36 -20.48 10.52 19.31
CA ASN A 36 -19.32 11.02 18.57
C ASN A 36 -19.64 12.44 18.13
N GLU A 37 -18.72 13.04 17.38
CA GLU A 37 -18.89 14.43 16.95
C GLU A 37 -20.14 14.66 16.11
N GLU A 38 -20.82 13.61 15.64
CA GLU A 38 -21.93 13.81 14.73
C GLU A 38 -23.11 12.84 14.93
N THR A 39 -23.14 12.07 16.02
CA THR A 39 -24.28 11.21 16.31
C THR A 39 -24.72 11.40 17.75
N CYS A 40 -26.04 11.32 17.95
CA CYS A 40 -26.66 11.46 19.25
C CYS A 40 -27.48 10.22 19.57
N GLU A 41 -27.37 9.75 20.81
CA GLU A 41 -28.09 8.57 21.28
C GLU A 41 -28.71 8.83 22.64
N GLU A 42 -29.54 7.91 23.09
CA GLU A 42 -30.18 8.04 24.40
C GLU A 42 -29.19 7.72 25.51
N LYS A 43 -29.23 8.53 26.57
CA LYS A 43 -28.32 8.32 27.69
C LYS A 43 -29.00 7.47 28.77
N VAL A 44 -28.16 6.93 29.67
CA VAL A 44 -28.64 6.15 30.79
C VAL A 44 -28.57 7.02 32.04
N LEU A 45 -29.48 6.76 32.98
CA LEU A 45 -29.54 7.54 34.20
C LEU A 45 -28.53 7.07 35.24
N LYS A 46 -28.30 5.76 35.33
CA LYS A 46 -27.37 5.19 36.29
C LYS A 46 -26.48 4.16 35.61
N CYS A 47 -25.22 4.14 36.01
CA CYS A 47 -24.23 3.21 35.48
C CYS A 47 -24.20 1.94 36.33
N ASP A 48 -24.51 0.80 35.71
CA ASP A 48 -24.50 -0.48 36.40
C ASP A 48 -24.23 -1.59 35.38
N GLU A 49 -24.18 -2.83 35.88
CA GLU A 49 -23.91 -3.99 35.03
C GLU A 49 -24.79 -4.01 33.79
N LYS A 50 -26.05 -3.58 33.92
CA LYS A 50 -26.96 -3.58 32.78
C LYS A 50 -26.68 -2.44 31.81
N THR A 51 -25.99 -1.40 32.25
CA THR A 51 -25.71 -0.24 31.40
C THR A 51 -24.21 -0.07 31.19
N VAL A 52 -23.50 -1.15 30.90
CA VAL A 52 -22.05 -1.07 30.73
C VAL A 52 -21.73 -0.54 29.34
N ASN A 53 -20.72 0.33 29.27
CA ASN A 53 -20.29 0.94 28.01
C ASN A 53 -21.43 1.65 27.28
N LYS A 54 -22.45 2.11 28.05
CA LYS A 54 -23.54 2.87 27.48
C LYS A 54 -23.35 4.37 27.71
N PRO A 55 -23.91 5.21 26.85
CA PRO A 55 -23.73 6.66 27.02
C PRO A 55 -24.43 7.15 28.28
N CYS A 56 -23.70 7.93 29.08
CA CYS A 56 -24.24 8.56 30.27
C CYS A 56 -24.20 10.09 30.22
N GLY A 57 -23.29 10.66 29.43
CA GLY A 57 -23.24 12.08 29.18
C GLY A 57 -22.52 12.32 27.88
N ASP A 58 -22.49 13.58 27.46
CA ASP A 58 -21.80 13.96 26.23
C ASP A 58 -20.35 13.49 26.26
N PHE A 59 -20.02 12.57 25.33
CA PHE A 59 -18.67 12.01 25.21
C PHE A 59 -18.25 11.29 26.50
N SER A 60 -19.15 10.47 27.03
CA SER A 60 -18.84 9.68 28.22
C SER A 60 -19.67 8.41 28.23
N LYS A 61 -19.04 7.31 28.59
CA LYS A 61 -19.68 6.01 28.76
C LYS A 61 -19.55 5.57 30.21
N CYS A 62 -20.18 4.45 30.55
CA CYS A 62 -20.11 3.93 31.90
C CYS A 62 -18.82 3.13 32.12
N ILE A 63 -18.31 3.21 33.34
CA ILE A 63 -17.08 2.54 33.71
C ILE A 63 -17.18 2.00 35.13
N CYS A 74 -19.23 6.72 35.38
CA CYS A 74 -19.44 7.46 34.14
C CYS A 74 -18.24 8.35 33.85
N LYS A 75 -17.24 7.81 33.18
CA LYS A 75 -15.99 8.51 32.90
C LYS A 75 -16.01 9.08 31.48
N CYS A 76 -15.32 10.21 31.31
CA CYS A 76 -15.25 10.85 30.00
C CYS A 76 -14.35 10.05 29.07
N ASN A 77 -14.60 10.21 27.76
CA ASN A 77 -13.80 9.54 26.77
C ASN A 77 -12.34 10.00 26.82
N LEU A 78 -11.47 9.23 26.17
CA LEU A 78 -10.06 9.59 26.11
C LEU A 78 -9.88 10.93 25.41
N GLY A 79 -9.14 11.84 26.06
CA GLY A 79 -8.96 13.18 25.55
C GLY A 79 -9.83 14.23 26.21
N TYR A 80 -10.72 13.83 27.11
CA TYR A 80 -11.59 14.75 27.84
C TYR A 80 -11.30 14.70 29.33
N ASP A 81 -12.06 15.49 30.09
CA ASP A 81 -11.97 15.54 31.54
C ASP A 81 -13.29 16.04 32.08
N MET A 82 -13.63 15.57 33.28
CA MET A 82 -14.94 15.85 33.89
C MET A 82 -14.82 17.12 34.74
N VAL A 83 -15.35 18.22 34.22
CA VAL A 83 -15.42 19.49 34.94
C VAL A 83 -16.88 19.90 35.07
N ASN A 84 -17.28 20.26 36.30
CA ASN A 84 -18.68 20.61 36.59
C ASN A 84 -19.64 19.54 36.10
N ASN A 85 -19.25 18.28 36.25
CA ASN A 85 -20.06 17.11 35.88
C ASN A 85 -20.35 17.04 34.38
N VAL A 86 -19.58 17.75 33.55
CA VAL A 86 -19.69 17.66 32.11
C VAL A 86 -18.30 17.37 31.54
N CYS A 87 -18.27 16.70 30.39
CA CYS A 87 -17.00 16.36 29.76
C CYS A 87 -16.55 17.51 28.87
N ILE A 88 -15.34 18.02 29.14
CA ILE A 88 -14.77 19.12 28.37
C ILE A 88 -13.39 18.66 27.91
N PRO A 89 -12.89 19.08 26.74
CA PRO A 89 -11.53 18.73 26.35
C PRO A 89 -10.53 19.12 27.43
N ASN A 90 -9.49 18.29 27.58
CA ASN A 90 -8.51 18.52 28.64
C ASN A 90 -7.76 19.83 28.46
N GLU A 91 -7.55 20.27 27.22
CA GLU A 91 -6.90 21.56 27.01
C GLU A 91 -7.81 22.73 27.34
N CYS A 92 -9.11 22.51 27.49
CA CYS A 92 -10.05 23.54 27.92
C CYS A 92 -10.29 23.51 29.43
N LYS A 93 -9.37 22.90 30.18
CA LYS A 93 -9.55 22.66 31.62
C LYS A 93 -9.72 23.97 32.37
N GLN A 94 -8.64 24.74 32.52
CA GLN A 94 -8.66 26.00 33.25
C GLN A 94 -8.70 27.19 32.30
N VAL A 95 -9.39 27.05 31.17
CA VAL A 95 -9.53 28.11 30.18
C VAL A 95 -10.96 28.62 30.27
N THR A 96 -11.12 29.85 30.75
CA THR A 96 -12.42 30.50 30.82
C THR A 96 -12.59 31.43 29.62
N CYS A 97 -13.81 31.49 29.10
CA CYS A 97 -14.12 32.34 27.95
C CYS A 97 -15.15 33.41 28.29
N GLY A 98 -16.36 33.02 28.69
CA GLY A 98 -17.38 33.99 29.01
C GLY A 98 -18.06 34.48 27.75
N ASN A 99 -19.39 34.48 27.72
CA ASN A 99 -20.15 34.79 26.50
C ASN A 99 -19.70 33.92 25.34
N GLY A 100 -19.41 32.65 25.64
CA GLY A 100 -18.92 31.74 24.63
C GLY A 100 -18.43 30.46 25.27
N LYS A 101 -17.89 29.59 24.42
CA LYS A 101 -17.42 28.28 24.83
C LYS A 101 -15.95 28.12 24.45
N CYS A 102 -15.35 27.03 24.89
CA CYS A 102 -13.96 26.71 24.59
C CYS A 102 -13.92 25.53 23.63
N ILE A 103 -13.08 25.65 22.60
CA ILE A 103 -12.93 24.63 21.56
C ILE A 103 -11.44 24.48 21.28
N LEU A 104 -11.12 23.64 20.30
CA LEU A 104 -9.74 23.47 19.87
C LEU A 104 -9.71 23.19 18.38
N ASP A 105 -8.55 23.47 17.78
CA ASP A 105 -8.37 23.38 16.33
C ASP A 105 -7.27 22.37 16.00
N THR A 106 -7.45 21.65 14.90
CA THR A 106 -6.46 20.70 14.38
C THR A 106 -5.28 21.39 13.71
N SER A 107 -5.16 22.71 13.80
CA SER A 107 -4.07 23.42 13.12
C SER A 107 -2.74 23.23 13.82
N ASN A 108 -2.72 23.42 15.14
CA ASN A 108 -1.47 23.31 15.87
C ASN A 108 -1.13 21.85 16.13
N PRO A 109 0.17 21.52 16.23
CA PRO A 109 0.55 20.14 16.58
C PRO A 109 0.08 19.78 17.98
N VAL A 110 0.50 20.57 18.96
CA VAL A 110 0.00 20.44 20.31
C VAL A 110 -1.37 21.12 20.37
N LYS A 111 -2.40 20.35 20.71
CA LYS A 111 -3.76 20.86 20.75
C LYS A 111 -3.86 22.03 21.73
N THR A 112 -4.40 23.15 21.25
CA THR A 112 -4.54 24.36 22.04
C THR A 112 -6.01 24.75 22.14
N GLY A 113 -6.43 25.11 23.34
CA GLY A 113 -7.81 25.53 23.58
C GLY A 113 -8.04 27.02 23.39
N VAL A 114 -8.89 27.37 22.43
CA VAL A 114 -9.24 28.75 22.17
C VAL A 114 -10.73 28.96 22.47
N CYS A 115 -11.21 30.19 22.30
CA CYS A 115 -12.59 30.53 22.62
C CYS A 115 -13.37 30.76 21.34
N SER A 116 -14.58 30.18 21.27
CA SER A 116 -15.53 30.45 20.21
C SER A 116 -16.75 31.12 20.83
N CYS A 117 -17.12 32.28 20.30
CA CYS A 117 -18.03 33.17 20.98
C CYS A 117 -19.47 33.00 20.48
N ASN A 118 -20.40 33.51 21.29
CA ASN A 118 -21.80 33.57 20.89
C ASN A 118 -21.96 34.52 19.71
N ILE A 119 -23.04 34.32 18.96
CA ILE A 119 -23.28 35.14 17.78
C ILE A 119 -23.48 36.58 18.23
N GLY A 120 -22.72 37.49 17.60
CA GLY A 120 -22.64 38.87 18.02
C GLY A 120 -21.38 39.22 18.79
N LYS A 121 -20.67 38.22 19.28
CA LYS A 121 -19.42 38.44 20.01
C LYS A 121 -18.26 37.81 19.26
N VAL A 122 -17.07 38.34 19.50
CA VAL A 122 -15.83 37.86 18.88
C VAL A 122 -14.72 37.90 19.92
N PRO A 123 -13.65 37.14 19.71
CA PRO A 123 -12.51 37.19 20.64
C PRO A 123 -11.96 38.60 20.76
N ASN A 124 -11.96 39.11 21.99
CA ASN A 124 -11.48 40.46 22.29
C ASN A 124 -9.99 40.40 22.55
N VAL A 125 -9.19 40.88 21.60
CA VAL A 125 -7.75 40.75 21.70
C VAL A 125 -7.20 41.55 22.88
N GLN A 126 -7.85 42.65 23.24
CA GLN A 126 -7.45 43.46 24.38
C GLN A 126 -8.09 43.01 25.69
N ASP A 127 -8.61 41.78 25.73
CA ASP A 127 -9.28 41.25 26.91
C ASP A 127 -8.89 39.80 27.13
N GLN A 128 -7.61 39.49 26.95
CA GLN A 128 -7.09 38.13 27.11
C GLN A 128 -7.75 37.15 26.14
N ASN A 129 -8.16 37.66 24.97
CA ASN A 129 -8.80 36.85 23.92
C ASN A 129 -10.04 36.12 24.44
N LYS A 130 -10.83 36.80 25.26
CA LYS A 130 -12.12 36.28 25.68
C LYS A 130 -13.21 36.84 24.77
N CYS A 131 -14.46 36.46 25.04
CA CYS A 131 -15.59 36.86 24.19
C CYS A 131 -16.30 38.05 24.83
N SER A 132 -15.72 39.22 24.61
CA SER A 132 -16.31 40.48 25.05
C SER A 132 -16.53 41.47 23.92
N LYS A 133 -15.67 41.48 22.90
CA LYS A 133 -15.82 42.40 21.79
C LYS A 133 -17.02 42.02 20.94
N ASP A 134 -17.75 43.02 20.47
CA ASP A 134 -18.86 42.80 19.56
C ASP A 134 -18.35 42.64 18.13
N GLY A 135 -19.02 41.78 17.37
CA GLY A 135 -18.64 41.53 15.99
C GLY A 135 -19.60 40.58 15.31
N GLU A 136 -19.91 40.85 14.04
CA GLU A 136 -20.83 40.01 13.29
C GLU A 136 -20.15 38.74 12.83
N THR A 137 -20.95 37.69 12.67
CA THR A 137 -20.50 36.42 12.11
C THR A 137 -21.46 36.03 11.02
N LYS A 138 -20.96 35.93 9.79
CA LYS A 138 -21.80 35.55 8.66
C LYS A 138 -22.19 34.08 8.80
N CYS A 139 -23.50 33.81 8.72
CA CYS A 139 -23.97 32.44 8.84
C CYS A 139 -23.46 31.59 7.69
N SER A 140 -22.75 30.51 8.03
CA SER A 140 -22.17 29.64 7.03
C SER A 140 -22.97 28.35 6.84
N LEU A 141 -24.09 28.20 7.55
CA LEU A 141 -24.89 26.99 7.43
C LEU A 141 -25.66 26.97 6.11
N LYS A 142 -25.99 25.75 5.67
CA LYS A 142 -26.72 25.53 4.42
C LYS A 142 -28.10 25.00 4.78
N CYS A 143 -29.09 25.89 4.75
CA CYS A 143 -30.48 25.50 5.00
C CYS A 143 -31.18 25.43 3.65
N LEU A 144 -30.89 24.36 2.92
CA LEU A 144 -31.29 24.27 1.52
C LEU A 144 -32.79 24.13 1.35
N LYS A 145 -33.48 23.59 2.36
CA LYS A 145 -34.94 23.48 2.27
C LYS A 145 -35.55 24.87 2.16
N GLU A 146 -36.56 24.99 1.31
CA GLU A 146 -37.21 26.28 1.11
C GLU A 146 -38.06 26.71 2.29
N GLN A 147 -38.31 25.83 3.25
CA GLN A 147 -39.09 26.16 4.43
C GLN A 147 -38.21 26.50 5.63
N GLU A 148 -36.90 26.41 5.49
CA GLU A 148 -35.96 26.72 6.55
C GLU A 148 -34.96 27.78 6.11
N THR A 149 -34.57 28.63 7.05
CA THR A 149 -33.57 29.65 6.82
C THR A 149 -32.67 29.72 8.03
N CYS A 150 -31.53 30.37 7.88
CA CYS A 150 -30.57 30.49 8.98
C CYS A 150 -31.03 31.58 9.93
N LYS A 151 -31.38 31.21 11.16
CA LYS A 151 -31.73 32.16 12.20
C LYS A 151 -30.73 32.06 13.35
N ALA A 152 -30.76 33.09 14.19
CA ALA A 152 -29.91 33.18 15.38
C ALA A 152 -30.80 33.02 16.61
N VAL A 153 -30.60 31.92 17.34
CA VAL A 153 -31.40 31.59 18.51
C VAL A 153 -30.46 31.42 19.70
N ASP A 154 -30.75 32.16 20.78
CA ASP A 154 -30.09 31.97 22.07
C ASP A 154 -28.57 31.98 21.96
N GLY A 155 -28.03 32.71 20.99
CA GLY A 155 -26.61 32.90 20.85
C GLY A 155 -25.93 32.05 19.79
N ILE A 156 -26.64 31.15 19.13
CA ILE A 156 -26.05 30.29 18.11
C ILE A 156 -26.82 30.46 16.80
N TYR A 157 -26.21 29.97 15.73
CA TYR A 157 -26.84 29.91 14.42
C TYR A 157 -27.42 28.53 14.19
N LYS A 158 -28.63 28.49 13.63
CA LYS A 158 -29.19 27.20 13.25
C LYS A 158 -30.27 27.43 12.19
N CYS A 159 -30.55 26.37 11.43
CA CYS A 159 -31.65 26.41 10.48
C CYS A 159 -32.97 26.28 11.24
N ASP A 160 -33.93 27.13 10.90
CA ASP A 160 -35.21 27.13 11.57
C ASP A 160 -36.29 27.55 10.59
N CYS A 161 -37.54 27.27 10.95
CA CYS A 161 -38.66 27.59 10.08
C CYS A 161 -38.80 29.09 9.92
N LYS A 162 -39.36 29.51 8.79
CA LYS A 162 -39.71 30.91 8.58
C LYS A 162 -41.19 31.14 8.33
N ASP A 163 -42.00 30.09 8.31
CA ASP A 163 -43.44 30.24 8.12
C ASP A 163 -44.20 28.96 8.46
N GLY A 164 -44.56 28.78 9.73
CA GLY A 164 -45.47 27.73 10.12
C GLY A 164 -44.85 26.34 10.26
N PHE A 165 -45.00 25.74 11.45
CA PHE A 165 -44.49 24.41 11.69
C PHE A 165 -45.36 23.68 12.71
N ILE A 166 -45.52 22.38 12.52
CA ILE A 166 -46.36 21.56 13.39
C ILE A 166 -45.51 20.97 14.51
N ILE A 167 -46.18 20.51 15.56
CA ILE A 167 -45.49 19.94 16.72
C ILE A 167 -46.17 18.65 17.15
N SER A 172 -42.39 17.91 14.57
CA SER A 172 -41.66 19.14 14.34
C SER A 172 -41.12 19.23 12.91
N ILE A 173 -41.92 19.78 12.00
CA ILE A 173 -41.57 19.92 10.59
C ILE A 173 -42.02 21.29 10.11
N CYS A 174 -41.13 21.98 9.38
CA CYS A 174 -41.44 23.32 8.88
C CYS A 174 -42.40 23.33 7.70
N THR A 175 -42.69 22.18 7.10
CA THR A 175 -43.55 22.12 5.92
C THR A 175 -44.96 22.62 6.22
N GLU B 1 5.72 14.69 7.27
CA GLU B 1 4.83 15.03 6.17
C GLU B 1 3.66 14.05 6.11
N VAL B 2 2.65 14.39 5.31
CA VAL B 2 1.50 13.53 5.11
C VAL B 2 1.76 12.61 3.93
N GLN B 3 1.54 11.31 4.12
CA GLN B 3 1.76 10.31 3.08
C GLN B 3 0.55 9.40 3.00
N LEU B 4 -0.08 9.34 1.83
CA LEU B 4 -1.18 8.43 1.55
C LEU B 4 -0.74 7.41 0.51
N VAL B 5 -0.92 6.13 0.82
CA VAL B 5 -0.50 5.03 -0.06
C VAL B 5 -1.72 4.18 -0.38
N GLU B 6 -2.05 4.08 -1.66
CA GLU B 6 -3.17 3.27 -2.13
C GLU B 6 -2.69 1.89 -2.55
N SER B 7 -3.51 0.88 -2.30
CA SER B 7 -3.22 -0.49 -2.69
C SER B 7 -4.53 -1.21 -2.96
N GLY B 8 -4.44 -2.38 -3.56
CA GLY B 8 -5.60 -3.21 -3.82
C GLY B 8 -6.09 -3.21 -5.25
N GLY B 9 -5.48 -2.42 -6.13
CA GLY B 9 -5.90 -2.37 -7.52
C GLY B 9 -5.50 -3.60 -8.31
N GLY B 10 -5.50 -3.48 -9.63
CA GLY B 10 -5.12 -4.60 -10.47
C GLY B 10 -6.15 -4.92 -11.54
N LEU B 11 -6.20 -6.18 -11.93
CA LEU B 11 -7.07 -6.64 -13.01
C LEU B 11 -8.37 -7.21 -12.47
N VAL B 12 -9.43 -7.07 -13.26
CA VAL B 12 -10.75 -7.57 -12.92
C VAL B 12 -11.59 -7.61 -14.19
N GLN B 13 -12.51 -8.55 -14.25
CA GLN B 13 -13.40 -8.69 -15.39
C GLN B 13 -14.71 -7.96 -15.16
N PRO B 14 -15.43 -7.59 -16.23
CA PRO B 14 -16.70 -6.89 -16.04
C PRO B 14 -17.69 -7.71 -15.21
N GLY B 15 -18.30 -7.06 -14.22
CA GLY B 15 -19.14 -7.70 -13.26
C GLY B 15 -18.43 -8.06 -11.96
N GLY B 16 -17.12 -8.24 -12.02
CA GLY B 16 -16.35 -8.64 -10.87
C GLY B 16 -16.23 -7.54 -9.84
N SER B 17 -15.60 -7.89 -8.73
CA SER B 17 -15.45 -6.99 -7.59
C SER B 17 -13.98 -6.76 -7.29
N LEU B 18 -13.73 -5.70 -6.52
CA LEU B 18 -12.39 -5.32 -6.11
C LEU B 18 -12.52 -4.47 -4.86
N ARG B 19 -11.52 -4.58 -3.97
CA ARG B 19 -11.52 -3.83 -2.72
C ARG B 19 -10.20 -3.07 -2.60
N LEU B 20 -10.29 -1.74 -2.60
CA LEU B 20 -9.13 -0.87 -2.52
C LEU B 20 -8.85 -0.46 -1.07
N SER B 21 -7.57 -0.21 -0.78
CA SER B 21 -7.13 0.18 0.55
C SER B 21 -6.26 1.42 0.46
N CYS B 22 -6.31 2.22 1.53
CA CYS B 22 -5.54 3.45 1.63
C CYS B 22 -5.10 3.60 3.08
N VAL B 23 -3.78 3.56 3.31
CA VAL B 23 -3.22 3.73 4.64
C VAL B 23 -2.66 5.14 4.76
N ALA B 24 -2.98 5.81 5.86
CA ALA B 24 -2.60 7.20 6.08
C ALA B 24 -1.51 7.27 7.13
N SER B 25 -0.45 8.02 6.82
CA SER B 25 0.65 8.23 7.75
C SER B 25 0.98 9.71 7.82
N GLY B 26 1.64 10.10 8.91
CA GLY B 26 2.09 11.47 9.08
C GLY B 26 1.11 12.40 9.73
N PHE B 27 -0.07 11.92 10.12
CA PHE B 27 -1.07 12.76 10.76
C PHE B 27 -2.06 11.87 11.50
N THR B 28 -2.92 12.50 12.30
CA THR B 28 -3.93 11.78 13.05
C THR B 28 -5.09 11.46 12.11
N PHE B 29 -5.13 10.21 11.62
CA PHE B 29 -6.12 9.83 10.63
C PHE B 29 -7.56 9.94 11.17
N SER B 30 -7.73 9.71 12.47
CA SER B 30 -9.09 9.73 13.04
C SER B 30 -9.64 11.13 13.20
N ASN B 31 -8.92 12.16 12.78
CA ASN B 31 -9.39 13.54 12.87
C ASN B 31 -9.80 14.13 11.54
N TYR B 32 -9.65 13.40 10.43
CA TYR B 32 -9.80 13.97 9.10
C TYR B 32 -10.85 13.22 8.30
N ASN B 33 -11.66 13.98 7.57
CA ASN B 33 -12.52 13.42 6.55
C ASN B 33 -11.70 13.14 5.30
N MET B 34 -12.13 12.15 4.52
CA MET B 34 -11.31 11.63 3.43
C MET B 34 -12.16 11.43 2.19
N ASN B 35 -11.48 11.41 1.04
CA ASN B 35 -12.12 11.26 -0.26
C ASN B 35 -11.50 10.09 -1.03
N TRP B 36 -12.27 9.58 -1.99
CA TRP B 36 -11.75 8.73 -3.06
C TRP B 36 -11.99 9.45 -4.38
N VAL B 37 -10.94 9.64 -5.16
CA VAL B 37 -11.02 10.30 -6.46
C VAL B 37 -10.29 9.45 -7.49
N ARG B 38 -10.90 9.29 -8.66
CA ARG B 38 -10.29 8.53 -9.75
C ARG B 38 -10.07 9.43 -10.96
N GLN B 39 -9.25 8.94 -11.89
CA GLN B 39 -9.01 9.62 -13.15
C GLN B 39 -8.83 8.58 -14.24
N ALA B 40 -9.79 8.49 -15.15
CA ALA B 40 -9.70 7.56 -16.26
C ALA B 40 -8.66 8.05 -17.27
N PRO B 41 -8.08 7.14 -18.04
CA PRO B 41 -7.07 7.55 -19.04
C PRO B 41 -7.68 8.55 -20.03
N GLY B 42 -7.01 9.68 -20.18
CA GLY B 42 -7.49 10.72 -21.07
C GLY B 42 -8.74 11.43 -20.60
N LYS B 43 -8.96 11.50 -19.29
CA LYS B 43 -10.09 12.22 -18.72
C LYS B 43 -9.62 13.00 -17.51
N GLY B 44 -10.52 13.86 -17.00
CA GLY B 44 -10.22 14.66 -15.83
C GLY B 44 -10.56 13.94 -14.53
N LEU B 45 -10.23 14.61 -13.42
CA LEU B 45 -10.53 14.06 -12.11
C LEU B 45 -12.03 13.89 -11.92
N GLU B 46 -12.41 12.75 -11.35
CA GLU B 46 -13.81 12.46 -11.03
C GLU B 46 -13.89 12.06 -9.56
N TRP B 47 -14.50 12.92 -8.75
CA TRP B 47 -14.73 12.58 -7.35
C TRP B 47 -15.71 11.42 -7.23
N LEU B 48 -15.42 10.51 -6.31
CA LEU B 48 -16.19 9.28 -6.13
C LEU B 48 -16.95 9.24 -4.82
N SER B 49 -16.28 9.47 -3.70
CA SER B 49 -16.92 9.28 -2.41
C SER B 49 -16.23 10.12 -1.34
N TYR B 50 -17.00 10.46 -0.32
CA TYR B 50 -16.55 11.25 0.81
C TYR B 50 -16.99 10.53 2.08
N ILE B 51 -16.15 10.56 3.11
CA ILE B 51 -16.45 9.91 4.37
C ILE B 51 -15.91 10.76 5.51
N SER B 52 -16.75 11.01 6.52
CA SER B 52 -16.33 11.78 7.68
C SER B 52 -15.45 10.95 8.60
N SER B 53 -14.86 11.62 9.59
CA SER B 53 -13.94 10.93 10.49
C SER B 53 -14.67 9.88 11.33
N SER B 54 -15.89 10.18 11.77
CA SER B 54 -16.68 9.25 12.56
C SER B 54 -17.57 8.36 11.70
N SER B 55 -17.38 8.37 10.38
CA SER B 55 -18.12 7.54 9.42
C SER B 55 -19.62 7.81 9.43
N GLY B 56 -20.04 8.95 9.96
CA GLY B 56 -21.45 9.27 10.05
C GLY B 56 -22.00 9.99 8.82
N THR B 57 -21.13 10.66 8.07
CA THR B 57 -21.51 11.39 6.87
C THR B 57 -20.80 10.77 5.68
N ILE B 58 -21.57 10.33 4.68
CA ILE B 58 -21.04 9.64 3.52
C ILE B 58 -21.80 10.11 2.29
N TYR B 59 -21.08 10.46 1.23
CA TYR B 59 -21.66 10.84 -0.05
C TYR B 59 -21.01 10.04 -1.16
N TYR B 60 -21.75 9.85 -2.25
CA TYR B 60 -21.27 9.14 -3.42
C TYR B 60 -21.63 9.91 -4.69
N ALA B 61 -20.81 9.76 -5.72
CA ALA B 61 -21.20 10.22 -7.03
C ALA B 61 -22.27 9.31 -7.61
N ASP B 62 -23.16 9.88 -8.42
CA ASP B 62 -24.22 9.09 -9.05
C ASP B 62 -23.65 7.93 -9.86
N SER B 63 -22.46 8.11 -10.45
CA SER B 63 -21.86 7.11 -11.32
C SER B 63 -21.39 5.86 -10.58
N VAL B 64 -21.37 5.87 -9.24
CA VAL B 64 -20.91 4.72 -8.47
C VAL B 64 -21.88 4.34 -7.36
N LYS B 65 -23.02 5.00 -7.24
CA LYS B 65 -23.98 4.69 -6.19
C LYS B 65 -24.48 3.25 -6.30
N GLY B 66 -24.59 2.60 -5.15
CA GLY B 66 -25.10 1.24 -5.11
C GLY B 66 -24.06 0.18 -5.42
N ARG B 67 -23.04 0.55 -6.20
CA ARG B 67 -21.97 -0.36 -6.56
C ARG B 67 -20.76 -0.23 -5.67
N PHE B 68 -20.40 0.98 -5.27
CA PHE B 68 -19.21 1.25 -4.48
C PHE B 68 -19.62 1.58 -3.05
N THR B 69 -18.82 1.11 -2.08
CA THR B 69 -19.08 1.37 -0.67
C THR B 69 -17.79 1.82 -0.01
N ILE B 70 -17.87 2.95 0.71
CA ILE B 70 -16.72 3.53 1.39
C ILE B 70 -16.81 3.20 2.88
N SER B 71 -15.64 3.09 3.51
CA SER B 71 -15.55 2.77 4.92
C SER B 71 -14.13 3.07 5.39
N ARG B 72 -13.96 3.17 6.71
CA ARG B 72 -12.66 3.43 7.28
C ARG B 72 -12.50 2.65 8.58
N ASP B 73 -11.25 2.47 8.97
CA ASP B 73 -10.88 1.77 10.21
C ASP B 73 -9.85 2.65 10.90
N ASN B 74 -10.33 3.58 11.73
CA ASN B 74 -9.44 4.54 12.36
C ASN B 74 -8.38 3.87 13.22
N ALA B 75 -8.69 2.70 13.76
CA ALA B 75 -7.71 1.97 14.56
C ALA B 75 -6.49 1.61 13.72
N LYS B 76 -6.70 1.18 12.49
CA LYS B 76 -5.62 0.78 11.60
C LYS B 76 -5.18 1.91 10.67
N ASN B 77 -5.65 3.14 10.91
CA ASN B 77 -5.29 4.31 10.10
C ASN B 77 -5.52 4.05 8.61
N SER B 78 -6.58 3.31 8.30
CA SER B 78 -6.83 2.85 6.94
C SER B 78 -8.21 3.27 6.47
N MET B 79 -8.38 3.18 5.15
CA MET B 79 -9.60 3.61 4.47
C MET B 79 -9.79 2.72 3.25
N TYR B 80 -11.02 2.27 3.02
CA TYR B 80 -11.31 1.24 2.04
C TYR B 80 -12.38 1.71 1.06
N LEU B 81 -12.39 1.08 -0.11
CA LEU B 81 -13.41 1.32 -1.13
C LEU B 81 -13.76 -0.01 -1.79
N GLN B 82 -14.92 -0.55 -1.45
CA GLN B 82 -15.42 -1.77 -2.09
C GLN B 82 -16.06 -1.42 -3.43
N MET B 83 -15.68 -2.15 -4.48
CA MET B 83 -16.12 -1.85 -5.84
C MET B 83 -16.74 -3.10 -6.45
N ASN B 84 -18.07 -3.12 -6.57
CA ASN B 84 -18.79 -4.24 -7.16
C ASN B 84 -19.41 -3.85 -8.49
N SER B 85 -19.76 -4.86 -9.28
CA SER B 85 -20.39 -4.69 -10.59
C SER B 85 -19.56 -3.75 -11.48
N LEU B 86 -18.26 -4.01 -11.54
CA LEU B 86 -17.35 -3.13 -12.27
C LEU B 86 -17.60 -3.21 -13.77
N ARG B 87 -17.66 -2.05 -14.40
CA ARG B 87 -17.76 -1.92 -15.84
C ARG B 87 -16.43 -1.45 -16.40
N ALA B 88 -16.28 -1.52 -17.72
CA ALA B 88 -15.05 -1.08 -18.36
C ALA B 88 -14.79 0.42 -18.12
N GLU B 89 -15.85 1.22 -18.02
CA GLU B 89 -15.68 2.65 -17.77
C GLU B 89 -15.07 2.95 -16.42
N ASP B 90 -14.99 1.96 -15.52
CA ASP B 90 -14.35 2.15 -14.23
C ASP B 90 -12.84 2.04 -14.29
N THR B 91 -12.27 1.71 -15.47
CA THR B 91 -10.84 1.64 -15.64
C THR B 91 -10.19 3.00 -15.44
N ALA B 92 -9.39 3.16 -14.39
CA ALA B 92 -8.87 4.46 -14.01
C ALA B 92 -7.78 4.28 -12.96
N VAL B 93 -7.10 5.37 -12.65
CA VAL B 93 -6.19 5.43 -11.52
C VAL B 93 -6.95 6.01 -10.34
N TYR B 94 -6.98 5.28 -9.23
CA TYR B 94 -7.77 5.63 -8.07
C TYR B 94 -6.88 6.22 -6.98
N TYR B 95 -7.27 7.39 -6.46
CA TYR B 95 -6.54 8.08 -5.42
C TYR B 95 -7.40 8.22 -4.18
N CYS B 96 -6.77 8.16 -3.01
CA CYS B 96 -7.40 8.61 -1.78
C CYS B 96 -6.85 9.98 -1.42
N VAL B 97 -7.72 10.85 -0.93
CA VAL B 97 -7.40 12.25 -0.72
C VAL B 97 -7.76 12.65 0.71
N ARG B 98 -6.87 13.39 1.35
CA ARG B 98 -7.18 13.97 2.65
C ARG B 98 -7.94 15.29 2.45
N VAL B 99 -8.95 15.50 3.27
CA VAL B 99 -9.85 16.64 3.13
C VAL B 99 -9.77 17.46 4.42
N GLU B 100 -8.98 18.52 4.39
CA GLU B 100 -8.96 19.48 5.49
C GLU B 100 -10.12 20.45 5.36
N TYR B 101 -10.54 21.01 6.49
CA TYR B 101 -11.63 21.97 6.54
C TYR B 101 -11.22 23.11 7.44
N TYR B 102 -11.03 24.30 6.88
CA TYR B 102 -10.57 25.47 7.63
C TYR B 102 -11.76 26.37 7.99
N TYR B 103 -11.82 26.80 9.25
CA TYR B 103 -12.83 27.78 9.64
C TYR B 103 -12.30 29.20 9.42
N GLY B 104 -12.06 29.53 8.15
CA GLY B 104 -11.46 30.80 7.82
C GLY B 104 -12.40 31.96 8.08
N SER B 105 -11.81 33.16 8.19
CA SER B 105 -12.55 34.37 8.47
C SER B 105 -13.31 34.90 7.26
N SER B 106 -13.07 34.34 6.07
CA SER B 106 -13.79 34.70 4.86
C SER B 106 -14.76 33.61 4.44
N GLY B 107 -14.99 32.62 5.29
CA GLY B 107 -15.85 31.50 4.95
C GLY B 107 -15.20 30.16 5.22
N TYR B 108 -16.00 29.11 5.38
CA TYR B 108 -15.49 27.77 5.63
C TYR B 108 -15.31 27.06 4.30
N TYR B 109 -14.16 26.43 4.10
CA TYR B 109 -13.86 25.79 2.82
C TYR B 109 -13.10 24.50 3.03
N TYR B 110 -13.23 23.61 2.05
CA TYR B 110 -12.47 22.37 1.99
C TYR B 110 -11.14 22.61 1.29
N ASP B 111 -10.18 21.75 1.61
CA ASP B 111 -8.86 21.79 0.96
C ASP B 111 -8.38 20.36 0.78
N PHE B 112 -8.36 19.89 -0.47
CA PHE B 112 -7.87 18.55 -0.79
C PHE B 112 -6.35 18.62 -0.86
N ASP B 113 -5.72 18.63 0.32
CA ASP B 113 -4.32 19.00 0.46
C ASP B 113 -3.35 17.83 0.43
N SER B 114 -3.82 16.60 0.26
CA SER B 114 -2.92 15.45 0.20
C SER B 114 -3.51 14.40 -0.73
N TRP B 115 -2.72 13.97 -1.71
CA TRP B 115 -3.14 12.99 -2.70
C TRP B 115 -2.09 11.88 -2.78
N GLY B 116 -2.54 10.64 -2.72
CA GLY B 116 -1.64 9.52 -2.87
C GLY B 116 -1.15 9.36 -4.31
N GLN B 117 -0.18 8.47 -4.47
CA GLN B 117 0.39 8.22 -5.79
C GLN B 117 -0.60 7.53 -6.72
N GLY B 118 -1.64 6.90 -6.19
CA GLY B 118 -2.66 6.25 -6.98
C GLY B 118 -2.39 4.77 -7.19
N THR B 119 -3.46 4.03 -7.48
CA THR B 119 -3.40 2.63 -7.87
C THR B 119 -4.28 2.42 -9.09
N LEU B 120 -3.77 1.63 -10.03
CA LEU B 120 -4.42 1.46 -11.33
C LEU B 120 -5.40 0.28 -11.29
N VAL B 121 -6.64 0.53 -11.74
CA VAL B 121 -7.66 -0.49 -11.86
C VAL B 121 -8.04 -0.63 -13.33
N THR B 122 -7.94 -1.84 -13.86
CA THR B 122 -8.26 -2.13 -15.26
C THR B 122 -9.40 -3.15 -15.28
N VAL B 123 -10.56 -2.73 -15.77
CA VAL B 123 -11.70 -3.62 -15.95
C VAL B 123 -11.77 -4.01 -17.41
N SER B 124 -11.59 -5.30 -17.70
CA SER B 124 -11.54 -5.78 -19.08
C SER B 124 -11.73 -7.29 -19.08
N SER B 125 -12.16 -7.79 -20.24
CA SER B 125 -12.29 -9.23 -20.43
C SER B 125 -11.01 -9.87 -20.95
N ALA B 126 -9.99 -9.09 -21.23
CA ALA B 126 -8.74 -9.61 -21.76
C ALA B 126 -7.90 -10.25 -20.64
N SER B 127 -7.02 -11.17 -21.04
CA SER B 127 -6.08 -11.79 -20.13
C SER B 127 -4.67 -11.25 -20.39
N THR B 128 -3.85 -11.27 -19.33
CA THR B 128 -2.53 -10.65 -19.38
C THR B 128 -1.69 -11.25 -20.50
N LYS B 129 -1.16 -10.37 -21.36
CA LYS B 129 -0.35 -10.79 -22.50
C LYS B 129 0.81 -9.82 -22.66
N GLY B 130 2.01 -10.38 -22.86
CA GLY B 130 3.19 -9.58 -23.10
C GLY B 130 3.22 -9.04 -24.52
N PRO B 131 3.94 -7.95 -24.73
CA PRO B 131 3.91 -7.29 -26.03
C PRO B 131 4.85 -7.94 -27.04
N SER B 132 4.48 -7.78 -28.31
CA SER B 132 5.37 -8.05 -29.43
C SER B 132 5.96 -6.73 -29.90
N VAL B 133 7.28 -6.64 -29.94
CA VAL B 133 7.99 -5.42 -30.32
C VAL B 133 8.45 -5.54 -31.76
N PHE B 134 7.91 -4.70 -32.63
CA PHE B 134 8.27 -4.70 -34.02
C PHE B 134 9.09 -3.47 -34.36
N PRO B 135 10.07 -3.58 -35.26
CA PRO B 135 10.93 -2.42 -35.56
C PRO B 135 10.29 -1.45 -36.53
N LEU B 136 10.51 -0.17 -36.29
CA LEU B 136 10.18 0.90 -37.23
C LEU B 136 11.52 1.37 -37.78
N ALA B 137 11.94 0.77 -38.88
CA ALA B 137 13.31 0.94 -39.36
C ALA B 137 13.47 2.27 -40.10
N PRO B 138 14.61 2.92 -39.95
CA PRO B 138 14.88 4.15 -40.71
C PRO B 138 15.31 3.84 -42.14
N SER B 139 15.09 4.82 -43.01
CA SER B 139 15.49 4.75 -44.40
C SER B 139 15.52 6.17 -44.95
N SER B 140 15.76 6.30 -46.26
CA SER B 140 15.66 7.61 -46.90
C SER B 140 14.25 8.17 -46.78
N LYS B 141 13.25 7.30 -46.65
CA LYS B 141 11.87 7.72 -46.47
C LYS B 141 11.54 8.15 -45.06
N SER B 142 12.52 8.16 -44.16
CA SER B 142 12.34 8.69 -42.81
C SER B 142 13.39 9.75 -42.48
N THR B 143 14.20 10.17 -43.44
CA THR B 143 15.25 11.14 -43.20
C THR B 143 14.82 12.51 -43.69
N SER B 144 15.16 13.55 -42.91
CA SER B 144 14.86 14.92 -43.29
C SER B 144 15.93 15.83 -42.72
N GLY B 145 16.75 16.43 -43.59
CA GLY B 145 17.78 17.36 -43.16
C GLY B 145 18.82 16.79 -42.23
N GLY B 146 19.54 15.77 -42.69
CA GLY B 146 20.59 15.15 -41.88
C GLY B 146 20.07 14.49 -40.62
N THR B 147 18.76 14.29 -40.55
CA THR B 147 18.11 13.71 -39.38
C THR B 147 17.30 12.51 -39.83
N ALA B 148 17.41 11.40 -39.09
CA ALA B 148 16.67 10.17 -39.39
C ALA B 148 15.76 9.80 -38.22
N ALA B 149 14.60 9.24 -38.54
CA ALA B 149 13.63 8.83 -37.54
C ALA B 149 13.49 7.31 -37.55
N LEU B 150 13.55 6.71 -36.36
CA LEU B 150 13.34 5.28 -36.18
C LEU B 150 12.52 5.07 -34.93
N GLY B 151 12.04 3.83 -34.75
CA GLY B 151 11.22 3.58 -33.58
C GLY B 151 10.94 2.11 -33.39
N CYS B 152 10.11 1.84 -32.38
CA CYS B 152 9.66 0.50 -32.04
C CYS B 152 8.15 0.51 -31.89
N LEU B 153 7.50 -0.51 -32.45
CA LEU B 153 6.05 -0.69 -32.33
C LEU B 153 5.79 -1.74 -31.25
N VAL B 154 5.25 -1.31 -30.12
CA VAL B 154 4.94 -2.19 -29.00
C VAL B 154 3.46 -2.54 -29.10
N LYS B 155 3.16 -3.73 -29.60
CA LYS B 155 1.80 -4.07 -30.02
C LYS B 155 1.23 -5.26 -29.25
N ASP B 156 -0.08 -5.19 -29.01
CA ASP B 156 -0.89 -6.30 -28.50
C ASP B 156 -0.39 -6.82 -27.14
N TYR B 157 -0.42 -5.93 -26.15
CA TYR B 157 -0.12 -6.29 -24.77
C TYR B 157 -1.28 -5.89 -23.87
N PHE B 158 -1.32 -6.49 -22.68
CA PHE B 158 -2.33 -6.16 -21.68
C PHE B 158 -1.84 -6.64 -20.33
N PRO B 159 -1.98 -5.83 -19.26
CA PRO B 159 -2.52 -4.47 -19.25
C PRO B 159 -1.45 -3.40 -19.28
N GLU B 160 -1.86 -2.16 -18.98
CA GLU B 160 -0.91 -1.09 -18.78
C GLU B 160 -0.17 -1.28 -17.46
N PRO B 161 1.07 -0.79 -17.35
CA PRO B 161 1.80 -0.10 -18.42
C PRO B 161 3.03 -0.87 -18.93
N VAL B 162 3.64 -0.34 -19.98
CA VAL B 162 4.96 -0.75 -20.42
C VAL B 162 5.89 0.43 -20.28
N THR B 163 7.18 0.14 -20.10
CA THR B 163 8.21 1.16 -20.01
C THR B 163 9.18 0.94 -21.16
N VAL B 164 9.35 1.95 -22.01
CA VAL B 164 10.23 1.88 -23.17
C VAL B 164 11.44 2.78 -22.91
N SER B 165 12.63 2.22 -23.06
CA SER B 165 13.87 2.99 -23.02
C SER B 165 14.69 2.67 -24.26
N TRP B 166 15.66 3.51 -24.56
CA TRP B 166 16.49 3.38 -25.75
C TRP B 166 17.95 3.24 -25.34
N ASN B 167 18.61 2.20 -25.86
CA ASN B 167 20.02 1.93 -25.58
C ASN B 167 20.26 1.89 -24.07
N SER B 168 19.37 1.20 -23.37
CA SER B 168 19.48 1.00 -21.92
C SER B 168 19.59 2.33 -21.17
N GLY B 169 18.82 3.32 -21.61
CA GLY B 169 18.79 4.61 -20.96
C GLY B 169 19.84 5.59 -21.41
N ALA B 170 20.83 5.16 -22.20
CA ALA B 170 21.88 6.06 -22.65
C ALA B 170 21.31 7.13 -23.59
N LEU B 171 20.38 6.75 -24.45
CA LEU B 171 19.81 7.64 -25.45
C LEU B 171 18.47 8.16 -24.94
N THR B 172 18.42 9.45 -24.59
CA THR B 172 17.19 10.08 -24.14
C THR B 172 16.76 11.26 -24.99
N SER B 173 17.69 11.95 -25.66
CA SER B 173 17.36 13.12 -26.44
C SER B 173 16.69 12.72 -27.76
N GLY B 174 15.60 13.42 -28.09
CA GLY B 174 14.90 13.15 -29.33
C GLY B 174 13.94 11.98 -29.27
N VAL B 175 13.59 11.53 -28.08
CA VAL B 175 12.72 10.36 -27.90
C VAL B 175 11.29 10.82 -27.70
N HIS B 176 10.35 10.11 -28.30
CA HIS B 176 8.92 10.38 -28.14
C HIS B 176 8.21 9.04 -27.96
N THR B 177 7.81 8.74 -26.72
CA THR B 177 7.03 7.54 -26.42
C THR B 177 5.57 7.96 -26.31
N PHE B 178 4.77 7.56 -27.28
CA PHE B 178 3.39 8.02 -27.39
C PHE B 178 2.50 7.28 -26.40
N PRO B 179 1.40 7.90 -25.97
CA PRO B 179 0.41 7.18 -25.16
C PRO B 179 -0.14 5.98 -25.92
N ALA B 180 -0.40 4.91 -25.17
CA ALA B 180 -0.93 3.70 -25.78
C ALA B 180 -2.40 3.90 -26.17
N VAL B 181 -2.82 3.17 -27.20
CA VAL B 181 -4.21 3.15 -27.61
C VAL B 181 -4.79 1.79 -27.30
N LEU B 182 -6.08 1.76 -27.01
CA LEU B 182 -6.81 0.53 -26.73
C LEU B 182 -7.48 0.06 -28.02
N GLN B 183 -7.09 -1.11 -28.51
CA GLN B 183 -7.58 -1.62 -29.77
C GLN B 183 -8.91 -2.35 -29.56
N SER B 184 -9.51 -2.82 -30.66
CA SER B 184 -10.78 -3.54 -30.59
C SER B 184 -10.62 -4.89 -29.91
N SER B 185 -9.44 -5.49 -30.03
CA SER B 185 -9.17 -6.78 -29.39
C SER B 185 -9.09 -6.70 -27.87
N GLY B 186 -9.17 -5.51 -27.29
CA GLY B 186 -8.96 -5.35 -25.87
C GLY B 186 -7.50 -5.24 -25.47
N LEU B 187 -6.58 -5.32 -26.42
CA LEU B 187 -5.15 -5.23 -26.16
C LEU B 187 -4.64 -3.83 -26.49
N TYR B 188 -3.58 -3.44 -25.78
CA TYR B 188 -2.98 -2.12 -25.97
C TYR B 188 -1.88 -2.15 -27.02
N SER B 189 -1.58 -0.97 -27.55
CA SER B 189 -0.51 -0.80 -28.53
C SER B 189 0.00 0.62 -28.45
N LEU B 190 1.33 0.77 -28.41
CA LEU B 190 1.95 2.08 -28.45
C LEU B 190 3.22 2.01 -29.30
N SER B 191 3.66 3.18 -29.73
CA SER B 191 4.91 3.31 -30.48
C SER B 191 5.81 4.32 -29.79
N SER B 192 7.11 4.05 -29.84
CA SER B 192 8.13 4.95 -29.33
C SER B 192 9.14 5.21 -30.42
N VAL B 193 9.39 6.48 -30.72
CA VAL B 193 10.28 6.87 -31.81
C VAL B 193 11.40 7.74 -31.24
N VAL B 194 12.51 7.78 -31.97
CA VAL B 194 13.67 8.58 -31.61
C VAL B 194 14.28 9.15 -32.89
N THR B 195 14.76 10.38 -32.81
CA THR B 195 15.41 11.06 -33.93
C THR B 195 16.92 11.09 -33.71
N VAL B 196 17.66 10.66 -34.73
CA VAL B 196 19.12 10.58 -34.64
C VAL B 196 19.71 11.18 -35.90
N PRO B 197 20.98 11.58 -35.85
CA PRO B 197 21.66 12.01 -37.08
C PRO B 197 21.72 10.87 -38.10
N SER B 198 21.33 11.18 -39.33
CA SER B 198 21.27 10.15 -40.38
C SER B 198 22.64 9.57 -40.71
N SER B 199 23.72 10.27 -40.37
CA SER B 199 25.06 9.74 -40.66
C SER B 199 25.42 8.57 -39.76
N SER B 200 24.91 8.56 -38.52
CA SER B 200 25.28 7.53 -37.56
C SER B 200 24.58 6.19 -37.81
N LEU B 201 23.65 6.12 -38.76
CA LEU B 201 22.90 4.89 -38.97
C LEU B 201 23.79 3.71 -39.36
N GLY B 202 24.99 3.97 -39.85
CA GLY B 202 25.90 2.91 -40.25
C GLY B 202 26.90 2.55 -39.19
N THR B 203 27.19 3.48 -38.28
CA THR B 203 28.19 3.30 -37.25
C THR B 203 27.62 3.45 -35.84
N GLN B 204 26.35 3.09 -35.64
CA GLN B 204 25.74 3.21 -34.32
C GLN B 204 24.53 2.31 -34.24
N THR B 205 24.44 1.54 -33.15
CA THR B 205 23.33 0.62 -32.92
C THR B 205 22.28 1.27 -32.05
N TYR B 206 21.01 1.03 -32.37
CA TYR B 206 19.89 1.58 -31.62
C TYR B 206 18.97 0.45 -31.18
N ILE B 207 18.85 0.25 -29.87
CA ILE B 207 18.05 -0.81 -29.30
C ILE B 207 17.01 -0.20 -28.37
N CYS B 208 15.75 -0.58 -28.54
CA CYS B 208 14.69 -0.16 -27.64
C CYS B 208 14.47 -1.26 -26.61
N ASN B 209 14.39 -0.86 -25.35
CA ASN B 209 14.23 -1.77 -24.22
C ASN B 209 12.80 -1.66 -23.70
N VAL B 210 11.99 -2.67 -23.99
CA VAL B 210 10.58 -2.69 -23.62
C VAL B 210 10.42 -3.64 -22.44
N ASN B 211 9.81 -3.13 -21.36
CA ASN B 211 9.58 -3.91 -20.16
C ASN B 211 8.09 -3.88 -19.84
N HIS B 212 7.51 -5.05 -19.59
CA HIS B 212 6.08 -5.18 -19.25
C HIS B 212 5.97 -6.05 -17.99
N LYS B 213 6.01 -5.40 -16.83
CA LYS B 213 6.01 -6.14 -15.57
C LYS B 213 4.80 -7.05 -15.38
N PRO B 214 3.56 -6.67 -15.74
CA PRO B 214 2.42 -7.58 -15.50
C PRO B 214 2.61 -8.97 -16.08
N SER B 215 3.15 -9.08 -17.28
CA SER B 215 3.40 -10.38 -17.90
C SER B 215 4.78 -10.93 -17.57
N ASN B 216 5.60 -10.19 -16.83
CA ASN B 216 6.98 -10.56 -16.51
C ASN B 216 7.80 -10.71 -17.79
N THR B 217 7.51 -9.87 -18.77
CA THR B 217 8.11 -9.90 -20.10
C THR B 217 9.08 -8.75 -20.27
N LYS B 218 10.29 -9.05 -20.72
CA LYS B 218 11.28 -8.05 -21.11
C LYS B 218 11.76 -8.35 -22.52
N VAL B 219 11.71 -7.35 -23.39
CA VAL B 219 12.11 -7.50 -24.78
C VAL B 219 13.02 -6.34 -25.17
N ASP B 220 14.20 -6.67 -25.68
CA ASP B 220 15.09 -5.70 -26.31
C ASP B 220 15.10 -5.94 -27.81
N LYS B 221 14.80 -4.89 -28.59
CA LYS B 221 14.68 -5.02 -30.03
C LYS B 221 15.68 -4.08 -30.69
N LYS B 222 16.59 -4.65 -31.47
CA LYS B 222 17.53 -3.85 -32.26
C LYS B 222 16.87 -3.42 -33.56
N VAL B 223 16.89 -2.12 -33.83
CA VAL B 223 16.27 -1.55 -35.02
C VAL B 223 17.34 -1.38 -36.09
N GLU B 224 17.29 -2.25 -37.10
CA GLU B 224 18.24 -2.19 -38.21
C GLU B 224 17.78 -1.16 -39.24
N PRO B 225 18.66 -0.29 -39.70
CA PRO B 225 18.28 0.61 -40.80
C PRO B 225 18.09 -0.18 -42.09
N LYS B 226 17.32 0.40 -43.01
CA LYS B 226 17.04 -0.27 -44.26
C LYS B 226 17.76 0.40 -45.42
N SER B 227 18.04 -0.38 -46.46
CA SER B 227 18.75 0.09 -47.65
C SER B 227 17.74 0.57 -48.70
N CYS B 228 16.99 1.62 -48.36
CA CYS B 228 16.06 2.20 -49.31
C CYS B 228 15.65 3.60 -48.89
N ASP C 1 -25.86 14.05 -10.64
CA ASP C 1 -25.37 15.15 -9.82
C ASP C 1 -25.34 16.46 -10.61
N ILE C 2 -24.84 17.52 -9.99
CA ILE C 2 -24.69 18.80 -10.67
C ILE C 2 -23.60 18.67 -11.73
N VAL C 3 -23.89 19.15 -12.94
CA VAL C 3 -22.98 19.05 -14.07
C VAL C 3 -22.12 20.31 -14.13
N MET C 4 -20.82 20.14 -14.34
CA MET C 4 -19.87 21.24 -14.46
C MET C 4 -19.19 21.17 -15.82
N THR C 5 -19.20 22.29 -16.55
CA THR C 5 -18.61 22.36 -17.87
C THR C 5 -17.72 23.59 -17.98
N GLN C 6 -16.47 23.37 -18.37
CA GLN C 6 -15.49 24.43 -18.52
C GLN C 6 -15.21 24.70 -19.99
N SER C 7 -14.64 25.87 -20.27
CA SER C 7 -14.20 26.23 -21.60
C SER C 7 -13.05 27.21 -21.47
N PRO C 8 -12.01 27.10 -22.31
CA PRO C 8 -11.85 26.06 -23.34
C PRO C 8 -11.33 24.75 -22.78
N LEU C 9 -11.17 23.75 -23.65
CA LEU C 9 -10.52 22.51 -23.24
C LEU C 9 -9.00 22.68 -23.17
N SER C 10 -8.43 23.36 -24.16
CA SER C 10 -7.02 23.68 -24.18
C SER C 10 -6.88 25.18 -24.41
N LEU C 11 -6.06 25.83 -23.58
CA LEU C 11 -5.87 27.28 -23.67
C LEU C 11 -4.40 27.62 -23.85
N PRO C 12 -3.95 27.87 -25.07
CA PRO C 12 -2.56 28.34 -25.27
C PRO C 12 -2.43 29.79 -24.85
N VAL C 13 -1.37 30.08 -24.09
CA VAL C 13 -1.10 31.43 -23.61
C VAL C 13 0.39 31.72 -23.78
N THR C 14 0.70 32.95 -24.16
CA THR C 14 2.09 33.40 -24.16
C THR C 14 2.43 33.97 -22.80
N PRO C 15 3.51 33.52 -22.15
CA PRO C 15 3.86 34.04 -20.81
C PRO C 15 3.93 35.56 -20.77
N GLY C 16 3.16 36.16 -19.87
CA GLY C 16 3.11 37.60 -19.73
C GLY C 16 1.73 38.17 -19.99
N GLU C 17 1.00 37.57 -20.93
CA GLU C 17 -0.33 38.02 -21.28
C GLU C 17 -1.38 37.33 -20.40
N PRO C 18 -2.57 37.90 -20.29
CA PRO C 18 -3.59 37.32 -19.40
C PRO C 18 -4.24 36.07 -19.97
N ALA C 19 -5.05 35.42 -19.13
CA ALA C 19 -5.77 34.21 -19.51
C ALA C 19 -7.05 34.11 -18.70
N SER C 20 -8.11 33.61 -19.34
CA SER C 20 -9.40 33.41 -18.70
C SER C 20 -9.85 31.97 -18.89
N ILE C 21 -10.50 31.41 -17.87
CA ILE C 21 -11.10 30.09 -17.94
C ILE C 21 -12.54 30.20 -17.47
N SER C 22 -13.48 29.69 -18.27
CA SER C 22 -14.89 29.74 -17.94
C SER C 22 -15.35 28.43 -17.34
N CYS C 23 -16.29 28.53 -16.40
CA CYS C 23 -16.84 27.35 -15.72
C CYS C 23 -18.31 27.63 -15.43
N ARG C 24 -19.20 26.77 -15.91
CA ARG C 24 -20.62 26.92 -15.66
C ARG C 24 -21.17 25.66 -15.00
N SER C 25 -22.20 25.85 -14.19
CA SER C 25 -22.82 24.76 -13.45
C SER C 25 -24.25 24.53 -13.95
N SER C 26 -24.69 23.28 -13.91
CA SER C 26 -26.04 22.95 -14.35
C SER C 26 -27.13 23.53 -13.45
N GLN C 27 -26.77 24.02 -12.27
CA GLN C 27 -27.73 24.67 -11.39
C GLN C 27 -27.00 25.65 -10.49
N SER C 28 -27.76 26.57 -9.91
CA SER C 28 -27.16 27.66 -9.16
C SER C 28 -26.39 27.15 -7.95
N LEU C 29 -25.16 27.64 -7.81
CA LEU C 29 -24.31 27.29 -6.67
C LEU C 29 -24.35 28.36 -5.58
N LEU C 30 -25.25 29.32 -5.69
CA LEU C 30 -25.36 30.42 -4.73
C LEU C 30 -26.40 30.09 -3.67
N HIS C 31 -26.03 30.32 -2.40
CA HIS C 31 -26.96 30.16 -1.29
C HIS C 31 -26.47 31.00 -0.12
N ASN C 32 -27.35 31.87 0.39
CA ASN C 32 -27.06 32.70 1.56
C ASN C 32 -25.84 33.59 1.33
N GLY C 33 -25.70 34.11 0.11
CA GLY C 33 -24.61 35.00 -0.19
C GLY C 33 -23.26 34.33 -0.37
N TYR C 34 -23.21 33.01 -0.46
CA TYR C 34 -21.99 32.27 -0.73
C TYR C 34 -22.14 31.53 -2.06
N ASN C 35 -21.07 31.50 -2.83
CA ASN C 35 -21.02 30.75 -4.08
C ASN C 35 -20.13 29.53 -3.86
N TYR C 36 -20.74 28.35 -3.83
CA TYR C 36 -20.04 27.12 -3.49
C TYR C 36 -19.34 26.57 -4.72
N LEU C 37 -18.21 27.22 -5.06
CA LEU C 37 -17.39 26.80 -6.18
C LEU C 37 -15.92 27.09 -5.86
N ASP C 38 -15.07 26.09 -6.06
CA ASP C 38 -13.63 26.21 -5.84
C ASP C 38 -12.88 25.98 -7.14
N TRP C 39 -11.60 26.35 -7.14
CA TRP C 39 -10.71 26.14 -8.28
C TRP C 39 -9.46 25.40 -7.83
N TYR C 40 -9.04 24.41 -8.62
CA TYR C 40 -7.84 23.64 -8.35
C TYR C 40 -6.92 23.65 -9.57
N LEU C 41 -5.61 23.58 -9.30
CA LEU C 41 -4.60 23.48 -10.34
C LEU C 41 -3.78 22.21 -10.13
N GLN C 42 -3.64 21.43 -11.19
CA GLN C 42 -2.83 20.21 -11.18
C GLN C 42 -1.66 20.42 -12.13
N LYS C 43 -0.54 20.88 -11.59
CA LYS C 43 0.67 21.01 -12.39
C LYS C 43 1.19 19.64 -12.80
N PRO C 44 1.94 19.56 -13.90
CA PRO C 44 2.37 18.24 -14.41
C PRO C 44 3.19 17.48 -13.37
N GLY C 45 2.82 16.22 -13.15
CA GLY C 45 3.52 15.39 -12.20
C GLY C 45 3.39 15.83 -10.76
N GLN C 46 2.35 16.57 -10.42
CA GLN C 46 2.13 17.05 -9.06
C GLN C 46 0.68 16.80 -8.67
N SER C 47 0.43 16.86 -7.36
CA SER C 47 -0.92 16.71 -6.86
C SER C 47 -1.72 17.98 -7.16
N PRO C 48 -3.05 17.87 -7.25
CA PRO C 48 -3.88 19.07 -7.31
C PRO C 48 -3.73 19.89 -6.05
N GLN C 49 -3.79 21.21 -6.21
CA GLN C 49 -3.69 22.12 -5.08
C GLN C 49 -4.78 23.19 -5.20
N LEU C 50 -5.34 23.56 -4.05
CA LEU C 50 -6.42 24.54 -4.04
C LEU C 50 -5.90 25.92 -4.44
N LEU C 51 -6.69 26.61 -5.27
CA LEU C 51 -6.37 27.98 -5.69
C LEU C 51 -7.40 28.97 -5.17
N ILE C 52 -8.67 28.79 -5.54
CA ILE C 52 -9.74 29.70 -5.16
C ILE C 52 -10.81 28.90 -4.43
N TYR C 53 -11.35 29.46 -3.36
CA TYR C 53 -12.44 28.85 -2.60
C TYR C 53 -13.58 29.85 -2.45
N LEU C 54 -14.80 29.31 -2.42
CA LEU C 54 -16.02 30.11 -2.33
C LEU C 54 -16.05 31.19 -3.40
N GLY C 55 -15.79 30.78 -4.63
CA GLY C 55 -15.89 31.69 -5.78
C GLY C 55 -14.79 32.67 -6.06
N SER C 56 -14.37 33.45 -5.05
CA SER C 56 -13.48 34.57 -5.32
C SER C 56 -12.35 34.75 -4.31
N ASN C 57 -12.18 33.83 -3.36
CA ASN C 57 -11.15 33.98 -2.33
C ASN C 57 -9.93 33.14 -2.66
N ARG C 58 -8.75 33.76 -2.59
CA ARG C 58 -7.51 33.04 -2.83
C ARG C 58 -7.14 32.21 -1.60
N ALA C 59 -6.65 31.00 -1.84
CA ALA C 59 -6.14 30.18 -0.74
C ALA C 59 -4.81 30.74 -0.26
N SER C 60 -4.42 30.34 0.94
CA SER C 60 -3.25 30.90 1.59
C SER C 60 -1.99 30.50 0.83
N GLY C 61 -1.39 31.45 0.11
CA GLY C 61 -0.18 31.20 -0.64
C GLY C 61 -0.32 31.34 -2.14
N VAL C 62 -1.48 31.83 -2.58
CA VAL C 62 -1.77 31.94 -4.01
C VAL C 62 -1.37 33.34 -4.48
N PRO C 63 -0.62 33.46 -5.58
CA PRO C 63 -0.26 34.79 -6.08
C PRO C 63 -1.49 35.61 -6.44
N ASP C 64 -1.34 36.93 -6.36
CA ASP C 64 -2.46 37.85 -6.60
C ASP C 64 -2.90 37.87 -8.05
N ARG C 65 -2.07 37.36 -8.97
CA ARG C 65 -2.46 37.31 -10.37
C ARG C 65 -3.62 36.34 -10.61
N PHE C 66 -3.74 35.30 -9.79
CA PHE C 66 -4.89 34.41 -9.85
C PHE C 66 -6.08 35.08 -9.16
N SER C 67 -7.23 35.09 -9.83
CA SER C 67 -8.45 35.63 -9.24
C SER C 67 -9.65 34.86 -9.74
N GLY C 68 -10.69 34.80 -8.92
CA GLY C 68 -11.94 34.17 -9.29
C GLY C 68 -13.09 35.14 -9.16
N SER C 69 -14.04 35.05 -10.10
CA SER C 69 -15.23 35.87 -10.08
C SER C 69 -16.41 35.06 -10.62
N GLY C 70 -17.60 35.62 -10.49
CA GLY C 70 -18.81 34.97 -10.94
C GLY C 70 -19.73 34.61 -9.78
N SER C 71 -20.96 34.25 -10.15
CA SER C 71 -21.95 33.89 -9.15
C SER C 71 -23.02 33.02 -9.80
N GLY C 72 -23.74 32.28 -8.96
CA GLY C 72 -24.81 31.43 -9.43
C GLY C 72 -24.33 30.26 -10.26
N THR C 73 -24.46 30.38 -11.59
CA THR C 73 -24.04 29.34 -12.51
C THR C 73 -22.87 29.76 -13.40
N ASP C 74 -22.49 31.04 -13.39
CA ASP C 74 -21.47 31.56 -14.28
C ASP C 74 -20.24 31.94 -13.47
N PHE C 75 -19.12 31.29 -13.75
CA PHE C 75 -17.88 31.57 -13.03
C PHE C 75 -16.72 31.65 -14.00
N THR C 76 -15.68 32.36 -13.59
CA THR C 76 -14.52 32.55 -14.44
C THR C 76 -13.27 32.70 -13.57
N LEU C 77 -12.22 31.96 -13.92
CA LEU C 77 -10.90 32.10 -13.31
C LEU C 77 -10.01 32.94 -14.22
N LYS C 78 -9.34 33.93 -13.65
CA LYS C 78 -8.60 34.92 -14.43
C LYS C 78 -7.16 34.99 -13.92
N ILE C 79 -6.20 34.80 -14.82
CA ILE C 79 -4.79 35.00 -14.55
C ILE C 79 -4.36 36.29 -15.21
N SER C 80 -3.93 37.28 -14.42
CA SER C 80 -3.64 38.60 -14.97
C SER C 80 -2.36 38.57 -15.81
N ARG C 81 -1.29 38.01 -15.26
CA ARG C 81 -0.01 37.87 -15.97
C ARG C 81 0.45 36.42 -15.84
N VAL C 82 0.37 35.68 -16.95
CA VAL C 82 0.67 34.26 -16.93
C VAL C 82 2.18 34.04 -16.86
N GLU C 83 2.63 33.36 -15.82
CA GLU C 83 4.00 32.89 -15.73
C GLU C 83 4.10 31.48 -16.31
N ALA C 84 5.32 31.08 -16.66
CA ALA C 84 5.52 29.78 -17.28
C ALA C 84 5.26 28.62 -16.34
N GLU C 85 5.34 28.85 -15.02
CA GLU C 85 5.11 27.78 -14.05
C GLU C 85 3.62 27.48 -13.85
N ASP C 86 2.74 28.24 -14.49
CA ASP C 86 1.30 28.08 -14.31
C ASP C 86 0.69 27.09 -15.29
N VAL C 87 1.49 26.45 -16.14
CA VAL C 87 0.96 25.45 -17.06
C VAL C 87 0.49 24.25 -16.27
N GLY C 88 -0.60 23.65 -16.72
CA GLY C 88 -1.21 22.53 -16.03
C GLY C 88 -2.68 22.44 -16.39
N VAL C 89 -3.40 21.65 -15.61
CA VAL C 89 -4.83 21.46 -15.80
C VAL C 89 -5.56 22.17 -14.67
N TYR C 90 -6.49 23.04 -15.02
CA TYR C 90 -7.29 23.78 -14.05
C TYR C 90 -8.68 23.19 -13.96
N TYR C 91 -9.11 22.87 -12.75
CA TYR C 91 -10.44 22.31 -12.50
C TYR C 91 -11.25 23.28 -11.66
N CYS C 92 -12.53 23.41 -11.98
CA CYS C 92 -13.49 24.03 -11.09
C CYS C 92 -14.32 22.94 -10.44
N MET C 93 -14.66 23.14 -9.16
CA MET C 93 -15.33 22.12 -8.38
C MET C 93 -16.47 22.75 -7.57
N GLN C 94 -17.67 22.19 -7.70
CA GLN C 94 -18.80 22.67 -6.94
C GLN C 94 -18.86 21.97 -5.59
N THR C 95 -19.16 22.74 -4.54
CA THR C 95 -19.22 22.22 -3.18
C THR C 95 -20.62 22.32 -2.59
N LEU C 96 -21.62 22.70 -3.38
CA LEU C 96 -22.99 22.75 -2.89
C LEU C 96 -23.51 21.35 -2.58
N GLN C 97 -23.34 20.42 -3.51
CA GLN C 97 -23.67 19.02 -3.34
C GLN C 97 -22.38 18.24 -3.55
N PRO C 98 -21.55 18.12 -2.50
CA PRO C 98 -20.20 17.54 -2.65
C PRO C 98 -20.23 16.15 -3.28
N PHE C 99 -19.42 15.94 -4.32
CA PHE C 99 -18.59 16.95 -4.98
C PHE C 99 -18.69 16.74 -6.49
N THR C 100 -18.29 17.73 -7.28
CA THR C 100 -18.21 17.54 -8.73
C THR C 100 -17.15 18.44 -9.33
N PHE C 101 -16.22 17.86 -10.08
CA PHE C 101 -15.20 18.59 -10.82
C PHE C 101 -15.68 18.91 -12.22
N GLY C 102 -15.16 20.00 -12.78
CA GLY C 102 -15.28 20.22 -14.20
C GLY C 102 -14.40 19.25 -14.98
N GLN C 103 -14.52 19.30 -16.30
CA GLN C 103 -13.74 18.38 -17.12
C GLN C 103 -12.29 18.80 -17.26
N GLY C 104 -11.91 19.96 -16.72
CA GLY C 104 -10.53 20.42 -16.77
C GLY C 104 -10.20 21.26 -17.98
N THR C 105 -9.37 22.29 -17.76
CA THR C 105 -8.85 23.14 -18.82
C THR C 105 -7.33 23.04 -18.81
N ARG C 106 -6.76 22.63 -19.94
CA ARG C 106 -5.32 22.44 -20.06
C ARG C 106 -4.68 23.77 -20.49
N LEU C 107 -3.94 24.40 -19.59
CA LEU C 107 -3.23 25.64 -19.89
C LEU C 107 -1.86 25.29 -20.46
N GLU C 108 -1.60 25.75 -21.68
CA GLU C 108 -0.38 25.40 -22.40
C GLU C 108 0.32 26.65 -22.90
N ILE C 109 1.52 26.45 -23.43
CA ILE C 109 2.38 27.54 -23.89
C ILE C 109 2.14 27.80 -25.36
N LYS C 110 1.84 29.05 -25.70
CA LYS C 110 1.66 29.44 -27.09
C LYS C 110 3.02 29.76 -27.73
N ARG C 111 3.23 29.25 -28.93
CA ARG C 111 4.46 29.49 -29.67
C ARG C 111 4.12 29.72 -31.13
N THR C 112 5.15 29.98 -31.94
CA THR C 112 4.95 30.17 -33.37
C THR C 112 4.54 28.85 -34.03
N VAL C 113 3.81 28.97 -35.14
CA VAL C 113 3.36 27.79 -35.87
C VAL C 113 4.56 27.02 -36.41
N ALA C 114 4.52 25.69 -36.24
CA ALA C 114 5.57 24.81 -36.75
C ALA C 114 4.94 23.68 -37.55
N ALA C 115 5.54 23.37 -38.68
CA ALA C 115 4.94 22.31 -39.50
C ALA C 115 5.47 20.95 -39.07
N PRO C 116 4.63 19.91 -39.14
CA PRO C 116 5.06 18.57 -38.73
C PRO C 116 5.90 17.91 -39.81
N SER C 117 7.01 17.30 -39.39
CA SER C 117 7.76 16.42 -40.27
C SER C 117 7.02 15.09 -40.35
N VAL C 118 6.61 14.70 -41.55
CA VAL C 118 5.75 13.54 -41.75
C VAL C 118 6.59 12.40 -42.32
N PHE C 119 6.51 11.23 -41.67
CA PHE C 119 7.14 10.02 -42.15
C PHE C 119 6.16 8.86 -42.03
N ILE C 120 6.30 7.89 -42.93
CA ILE C 120 5.43 6.72 -42.96
C ILE C 120 6.31 5.48 -42.95
N PHE C 121 5.93 4.50 -42.14
CA PHE C 121 6.71 3.28 -41.93
C PHE C 121 5.91 2.08 -42.41
N PRO C 122 6.43 1.30 -43.36
CA PRO C 122 5.73 0.08 -43.76
C PRO C 122 5.80 -0.96 -42.66
N PRO C 123 4.97 -2.00 -42.73
CA PRO C 123 5.02 -3.04 -41.69
C PRO C 123 6.32 -3.83 -41.74
N SER C 124 6.73 -4.30 -40.57
CA SER C 124 7.97 -5.07 -40.46
C SER C 124 7.76 -6.49 -40.99
N ASP C 125 8.88 -7.15 -41.30
CA ASP C 125 8.82 -8.54 -41.74
C ASP C 125 8.33 -9.45 -40.64
N GLU C 126 8.72 -9.17 -39.39
CA GLU C 126 8.27 -9.96 -38.26
C GLU C 126 6.75 -9.94 -38.13
N GLN C 127 6.16 -8.73 -38.19
CA GLN C 127 4.71 -8.63 -38.03
C GLN C 127 3.98 -9.28 -39.21
N LEU C 128 4.52 -9.14 -40.42
CA LEU C 128 3.90 -9.82 -41.56
C LEU C 128 3.94 -11.33 -41.38
N LYS C 129 5.06 -11.86 -40.89
CA LYS C 129 5.13 -13.28 -40.57
C LYS C 129 4.12 -13.66 -39.51
N SER C 130 3.84 -12.76 -38.56
CA SER C 130 2.85 -13.04 -37.52
C SER C 130 1.44 -13.16 -38.10
N GLY C 131 1.16 -12.48 -39.20
CA GLY C 131 -0.14 -12.54 -39.83
C GLY C 131 -0.93 -11.25 -39.83
N THR C 132 -0.35 -10.14 -39.38
CA THR C 132 -1.01 -8.85 -39.39
C THR C 132 -0.06 -7.84 -40.05
N ALA C 133 -0.56 -6.61 -40.23
CA ALA C 133 0.23 -5.56 -40.86
C ALA C 133 -0.17 -4.22 -40.29
N SER C 134 0.78 -3.49 -39.71
CA SER C 134 0.54 -2.17 -39.16
C SER C 134 1.43 -1.15 -39.87
N VAL C 135 0.80 -0.11 -40.41
CA VAL C 135 1.51 1.01 -41.02
C VAL C 135 1.45 2.19 -40.06
N VAL C 136 2.57 2.86 -39.86
CA VAL C 136 2.69 3.93 -38.88
C VAL C 136 3.00 5.23 -39.58
N CYS C 137 2.17 6.25 -39.34
CA CYS C 137 2.38 7.60 -39.84
C CYS C 137 2.79 8.47 -38.67
N LEU C 138 3.93 9.15 -38.80
CA LEU C 138 4.55 9.89 -37.71
C LEU C 138 4.58 11.37 -38.04
N LEU C 139 4.09 12.20 -37.12
CA LEU C 139 4.14 13.65 -37.23
C LEU C 139 4.99 14.16 -36.07
N ASN C 140 6.08 14.85 -36.39
CA ASN C 140 7.08 15.20 -35.39
C ASN C 140 7.20 16.70 -35.21
N ASN C 141 7.08 17.14 -33.96
CA ASN C 141 7.41 18.50 -33.51
C ASN C 141 6.69 19.58 -34.33
N PHE C 142 5.37 19.61 -34.16
CA PHE C 142 4.52 20.61 -34.78
C PHE C 142 3.79 21.44 -33.73
N TYR C 143 3.19 22.54 -34.20
CA TYR C 143 2.36 23.41 -33.37
C TYR C 143 1.45 24.20 -34.29
N PRO C 144 0.15 24.37 -33.96
CA PRO C 144 -0.50 23.86 -32.75
C PRO C 144 -0.82 22.36 -32.78
N ARG C 145 -1.57 21.88 -31.78
CA ARG C 145 -1.86 20.46 -31.67
C ARG C 145 -2.78 19.99 -32.80
N GLU C 146 -3.64 20.87 -33.30
CA GLU C 146 -4.62 20.51 -34.30
C GLU C 146 -3.94 19.98 -35.56
N ALA C 147 -4.24 18.73 -35.92
CA ALA C 147 -3.64 18.09 -37.08
C ALA C 147 -4.56 16.96 -37.52
N LYS C 148 -4.82 16.89 -38.83
CA LYS C 148 -5.72 15.87 -39.39
C LYS C 148 -4.90 14.86 -40.18
N VAL C 149 -5.05 13.58 -39.83
CA VAL C 149 -4.37 12.48 -40.50
C VAL C 149 -5.41 11.70 -41.29
N GLN C 150 -5.11 11.46 -42.57
CA GLN C 150 -6.03 10.79 -43.47
C GLN C 150 -5.29 9.65 -44.15
N TRP C 151 -5.75 8.41 -43.93
CA TRP C 151 -5.15 7.24 -44.55
C TRP C 151 -5.83 6.94 -45.89
N LYS C 152 -5.02 6.55 -46.87
CA LYS C 152 -5.52 6.18 -48.19
C LYS C 152 -4.83 4.91 -48.65
N VAL C 153 -5.63 3.90 -49.02
CA VAL C 153 -5.12 2.65 -49.57
C VAL C 153 -5.54 2.60 -51.04
N ASP C 154 -4.56 2.59 -51.94
CA ASP C 154 -4.80 2.71 -53.37
C ASP C 154 -5.67 3.92 -53.68
N ASN C 155 -5.35 5.05 -53.03
CA ASN C 155 -6.07 6.31 -53.19
C ASN C 155 -7.55 6.15 -52.86
N ALA C 156 -7.84 5.43 -51.77
CA ALA C 156 -9.20 5.23 -51.28
C ALA C 156 -9.22 5.51 -49.79
N LEU C 157 -10.11 6.40 -49.37
CA LEU C 157 -10.15 6.82 -47.97
C LEU C 157 -10.50 5.66 -47.05
N GLN C 158 -9.68 5.47 -46.02
CA GLN C 158 -9.92 4.48 -44.98
C GLN C 158 -10.60 5.14 -43.79
N SER C 159 -11.42 4.35 -43.08
CA SER C 159 -12.15 4.85 -41.93
C SER C 159 -12.37 3.72 -40.94
N GLY C 160 -12.21 4.03 -39.66
CA GLY C 160 -12.47 3.07 -38.61
C GLY C 160 -11.48 1.95 -38.45
N ASN C 161 -10.30 2.04 -39.08
CA ASN C 161 -9.27 1.02 -38.93
C ASN C 161 -7.91 1.63 -38.58
N SER C 162 -7.89 2.87 -38.12
CA SER C 162 -6.67 3.52 -37.68
C SER C 162 -6.89 4.12 -36.29
N GLN C 163 -5.80 4.29 -35.55
CA GLN C 163 -5.84 4.91 -34.23
C GLN C 163 -4.62 5.79 -34.05
N GLU C 164 -4.81 6.93 -33.38
CA GLU C 164 -3.72 7.88 -33.15
C GLU C 164 -3.66 8.26 -31.67
N SER C 165 -2.48 8.75 -31.27
CA SER C 165 -2.27 9.31 -29.95
C SER C 165 -1.26 10.44 -30.07
N VAL C 166 -1.33 11.40 -29.16
CA VAL C 166 -0.53 12.62 -29.21
C VAL C 166 0.22 12.76 -27.90
N THR C 167 1.48 13.20 -27.99
CA THR C 167 2.28 13.43 -26.81
C THR C 167 1.90 14.74 -26.13
N GLU C 168 2.30 14.88 -24.88
CA GLU C 168 2.11 16.14 -24.19
C GLU C 168 3.05 17.18 -24.77
N GLN C 169 2.75 18.45 -24.47
CA GLN C 169 3.58 19.54 -24.98
C GLN C 169 5.00 19.39 -24.47
N ASP C 170 5.98 19.54 -25.37
CA ASP C 170 7.37 19.36 -24.99
C ASP C 170 7.82 20.50 -24.08
N SER C 171 8.63 20.14 -23.09
CA SER C 171 9.09 21.13 -22.11
C SER C 171 10.15 22.06 -22.65
N LYS C 172 10.72 21.77 -23.83
CA LYS C 172 11.80 22.57 -24.38
C LYS C 172 11.34 23.43 -25.56
N ASP C 173 10.92 22.81 -26.67
CA ASP C 173 10.49 23.54 -27.85
C ASP C 173 8.98 23.74 -27.94
N SER C 174 8.22 23.23 -26.96
CA SER C 174 6.79 23.49 -26.85
C SER C 174 6.01 22.99 -28.06
N THR C 175 6.43 21.85 -28.61
CA THR C 175 5.77 21.26 -29.76
C THR C 175 5.04 19.98 -29.36
N TYR C 176 4.32 19.40 -30.34
CA TYR C 176 3.63 18.14 -30.17
C TYR C 176 4.09 17.15 -31.23
N SER C 177 3.90 15.86 -30.95
CA SER C 177 4.10 14.81 -31.93
C SER C 177 2.91 13.86 -31.90
N LEU C 178 2.58 13.32 -33.07
CA LEU C 178 1.41 12.47 -33.24
C LEU C 178 1.82 11.21 -34.00
N SER C 179 1.25 10.08 -33.60
CA SER C 179 1.51 8.80 -34.22
C SER C 179 0.19 8.14 -34.57
N SER C 180 0.03 7.78 -35.85
CA SER C 180 -1.18 7.14 -36.34
C SER C 180 -0.83 5.76 -36.89
N THR C 181 -1.59 4.74 -36.48
CA THR C 181 -1.32 3.36 -36.85
C THR C 181 -2.50 2.80 -37.61
N LEU C 182 -2.27 2.42 -38.86
CA LEU C 182 -3.25 1.73 -39.68
C LEU C 182 -2.99 0.24 -39.60
N THR C 183 -4.00 -0.52 -39.16
CA THR C 183 -3.86 -1.96 -38.96
C THR C 183 -4.76 -2.70 -39.92
N LEU C 184 -4.19 -3.66 -40.64
CA LEU C 184 -4.94 -4.51 -41.56
C LEU C 184 -4.43 -5.93 -41.46
N SER C 185 -5.21 -6.86 -41.98
CA SER C 185 -4.76 -8.24 -42.05
C SER C 185 -3.69 -8.39 -43.11
N LYS C 186 -2.87 -9.43 -42.95
CA LYS C 186 -1.83 -9.70 -43.95
C LYS C 186 -2.42 -9.87 -45.34
N ALA C 187 -3.62 -10.46 -45.43
CA ALA C 187 -4.27 -10.67 -46.72
C ALA C 187 -4.63 -9.34 -47.37
N ASP C 188 -5.38 -8.48 -46.65
CA ASP C 188 -5.76 -7.20 -47.20
C ASP C 188 -4.53 -6.35 -47.52
N TYR C 189 -3.46 -6.50 -46.75
CA TYR C 189 -2.23 -5.76 -47.06
C TYR C 189 -1.63 -6.26 -48.36
N GLU C 190 -1.51 -7.58 -48.52
CA GLU C 190 -0.92 -8.13 -49.73
C GLU C 190 -1.80 -7.92 -50.96
N LYS C 191 -3.08 -7.60 -50.78
CA LYS C 191 -3.94 -7.36 -51.93
C LYS C 191 -3.62 -6.05 -52.62
N HIS C 192 -3.40 -4.98 -51.85
CA HIS C 192 -3.24 -3.65 -52.40
C HIS C 192 -1.76 -3.27 -52.49
N LYS C 193 -1.49 -2.09 -53.06
CA LYS C 193 -0.11 -1.71 -53.34
C LYS C 193 0.29 -0.37 -52.74
N VAL C 194 -0.53 0.67 -52.91
CA VAL C 194 -0.17 2.02 -52.52
C VAL C 194 -0.78 2.35 -51.16
N TYR C 195 0.06 2.78 -50.22
CA TYR C 195 -0.36 3.16 -48.89
C TYR C 195 0.16 4.56 -48.58
N ALA C 196 -0.71 5.42 -48.08
CA ALA C 196 -0.35 6.82 -47.87
C ALA C 196 -1.18 7.41 -46.74
N CYS C 197 -0.56 8.31 -45.99
CA CYS C 197 -1.26 9.16 -45.03
C CYS C 197 -1.14 10.61 -45.47
N GLU C 198 -2.26 11.32 -45.46
CA GLU C 198 -2.33 12.72 -45.84
C GLU C 198 -2.49 13.56 -44.58
N VAL C 199 -1.56 14.49 -44.36
CA VAL C 199 -1.53 15.31 -43.17
C VAL C 199 -1.96 16.72 -43.52
N THR C 200 -2.97 17.23 -42.82
CA THR C 200 -3.41 18.61 -42.93
C THR C 200 -3.08 19.34 -41.64
N HIS C 201 -2.38 20.47 -41.75
CA HIS C 201 -1.96 21.22 -40.58
C HIS C 201 -1.92 22.70 -40.93
N GLN C 202 -2.03 23.54 -39.90
CA GLN C 202 -2.04 24.99 -40.10
C GLN C 202 -0.71 25.47 -40.69
N GLY C 203 0.38 24.75 -40.43
CA GLY C 203 1.68 25.15 -40.93
C GLY C 203 2.02 24.53 -42.28
N LEU C 204 0.99 24.13 -43.04
CA LEU C 204 1.18 23.54 -44.35
C LEU C 204 0.26 24.26 -45.34
N SER C 205 0.85 24.81 -46.40
CA SER C 205 0.03 25.44 -47.44
C SER C 205 -0.86 24.42 -48.12
N SER C 206 -0.29 23.30 -48.54
CA SER C 206 -1.03 22.19 -49.12
C SER C 206 -0.89 20.94 -48.24
N PRO C 207 -1.89 20.07 -48.22
CA PRO C 207 -1.79 18.85 -47.41
C PRO C 207 -0.65 17.96 -47.88
N VAL C 208 0.30 17.71 -46.98
CA VAL C 208 1.41 16.83 -47.27
C VAL C 208 0.94 15.38 -47.29
N THR C 209 1.48 14.61 -48.23
CA THR C 209 1.15 13.19 -48.36
C THR C 209 2.44 12.40 -48.44
N LYS C 210 2.60 11.43 -47.55
CA LYS C 210 3.72 10.50 -47.59
C LYS C 210 3.19 9.11 -47.93
N SER C 211 3.88 8.44 -48.85
CA SER C 211 3.35 7.20 -49.40
C SER C 211 4.48 6.24 -49.70
N PHE C 212 4.13 4.96 -49.85
CA PHE C 212 5.07 3.95 -50.30
C PHE C 212 4.31 2.89 -51.07
N ASN C 213 5.08 2.07 -51.79
CA ASN C 213 4.55 0.95 -52.55
C ASN C 213 4.93 -0.35 -51.85
N ARG C 214 4.00 -1.30 -51.81
CA ARG C 214 4.27 -2.56 -51.14
C ARG C 214 5.47 -3.24 -51.79
N GLY C 215 6.34 -3.80 -50.95
CA GLY C 215 7.60 -4.34 -51.38
C GLY C 215 8.70 -3.32 -51.61
N GLU C 216 8.34 -2.06 -51.81
CA GLU C 216 9.26 -0.94 -51.91
C GLU C 216 9.33 -0.20 -50.57
N CYS C 217 9.83 1.02 -50.58
CA CYS C 217 9.89 1.84 -49.37
C CYS C 217 9.33 3.23 -49.63
N ALA D 4 13.44 7.84 19.72
CA ALA D 4 14.88 7.60 19.56
C ALA D 4 15.39 6.69 20.68
N LYS D 5 15.68 5.44 20.33
CA LYS D 5 16.09 4.43 21.31
C LYS D 5 17.43 3.84 20.90
N VAL D 6 18.39 3.91 21.81
CA VAL D 6 19.71 3.30 21.62
C VAL D 6 19.68 1.89 22.19
N THR D 7 20.26 0.94 21.46
CA THR D 7 20.33 -0.45 21.87
C THR D 7 21.78 -0.83 22.18
N VAL D 8 21.94 -2.03 22.72
CA VAL D 8 23.28 -2.54 23.02
C VAL D 8 24.07 -2.78 21.74
N ASP D 9 23.40 -2.88 20.60
CA ASP D 9 24.05 -3.08 19.31
C ASP D 9 24.18 -1.78 18.53
N THR D 10 23.85 -0.64 19.13
CA THR D 10 24.01 0.64 18.46
C THR D 10 25.48 0.93 18.19
N VAL D 11 25.76 1.43 16.99
CA VAL D 11 27.10 1.83 16.59
C VAL D 11 27.16 3.35 16.71
N CYS D 12 27.79 3.85 17.78
CA CYS D 12 27.96 5.28 17.96
C CYS D 12 29.07 5.79 17.05
N LYS D 13 28.74 6.72 16.16
CA LYS D 13 29.74 7.28 15.25
C LYS D 13 30.57 8.31 16.01
N ARG D 14 31.88 8.08 16.07
CA ARG D 14 32.81 8.90 16.85
C ARG D 14 32.37 8.98 18.31
N GLY D 15 32.01 7.83 18.87
CA GLY D 15 31.57 7.75 20.24
C GLY D 15 31.55 6.30 20.70
N PHE D 16 31.07 6.12 21.93
CA PHE D 16 31.02 4.78 22.51
C PHE D 16 29.79 4.67 23.40
N LEU D 17 29.35 3.43 23.61
CA LEU D 17 28.17 3.17 24.41
C LEU D 17 28.47 3.30 25.90
N ILE D 18 27.57 3.96 26.62
CA ILE D 18 27.60 4.04 28.08
C ILE D 18 26.25 3.61 28.60
N GLN D 19 26.24 3.09 29.83
CA GLN D 19 25.03 2.63 30.49
C GLN D 19 24.91 3.28 31.85
N MET D 20 23.73 3.82 32.16
CA MET D 20 23.42 4.24 33.52
C MET D 20 22.29 3.35 34.05
N SER D 21 21.91 3.60 35.31
CA SER D 21 21.01 2.70 36.03
C SER D 21 19.81 2.26 35.20
N GLY D 22 19.28 3.16 34.37
CA GLY D 22 18.06 2.82 33.66
C GLY D 22 18.03 3.01 32.15
N HIS D 23 19.17 3.26 31.50
CA HIS D 23 19.15 3.47 30.04
C HIS D 23 20.58 3.41 29.51
N LEU D 24 20.68 3.54 28.18
CA LEU D 24 21.95 3.56 27.45
C LEU D 24 22.06 4.87 26.68
N GLU D 25 23.29 5.30 26.43
CA GLU D 25 23.54 6.48 25.62
C GLU D 25 24.82 6.28 24.82
N CYS D 26 25.03 7.20 23.87
CA CYS D 26 26.31 7.33 23.19
C CYS D 26 27.03 8.53 23.77
N LYS D 27 28.29 8.35 24.16
CA LYS D 27 29.11 9.43 24.68
C LYS D 27 30.21 9.71 23.66
N CYS D 28 30.42 10.99 23.38
CA CYS D 28 31.30 11.39 22.30
C CYS D 28 32.76 11.35 22.73
N GLU D 29 33.62 11.04 21.77
CA GLU D 29 35.06 11.08 21.99
C GLU D 29 35.54 12.53 22.10
N ASN D 30 36.58 12.73 22.90
CA ASN D 30 37.24 14.03 23.01
C ASN D 30 36.26 15.15 23.32
N ASP D 31 36.20 16.14 22.43
CA ASP D 31 35.30 17.27 22.61
C ASP D 31 34.28 17.33 21.49
N LEU D 32 33.65 16.20 21.19
CA LEU D 32 32.62 16.16 20.17
C LEU D 32 31.23 16.31 20.79
N VAL D 33 30.25 16.56 19.92
CA VAL D 33 28.89 16.91 20.31
C VAL D 33 27.92 16.00 19.58
N LEU D 34 26.86 15.59 20.28
CA LEU D 34 25.85 14.71 19.71
C LEU D 34 24.99 15.46 18.69
N VAL D 35 24.90 14.91 17.48
CA VAL D 35 23.99 15.43 16.47
C VAL D 35 22.67 14.65 16.48
N ASN D 36 22.75 13.34 16.68
CA ASN D 36 21.60 12.49 16.97
C ASN D 36 22.02 11.56 18.10
N GLU D 37 21.12 10.66 18.52
CA GLU D 37 21.43 9.80 19.65
C GLU D 37 22.63 8.90 19.41
N GLU D 38 23.17 8.82 18.19
CA GLU D 38 24.23 7.86 17.90
C GLU D 38 25.33 8.38 16.97
N THR D 39 25.40 9.68 16.70
CA THR D 39 26.50 10.25 15.93
C THR D 39 27.06 11.46 16.66
N CYS D 40 28.39 11.62 16.59
CA CYS D 40 29.10 12.73 17.21
C CYS D 40 29.89 13.47 16.15
N GLU D 41 29.85 14.80 16.20
CA GLU D 41 30.58 15.64 15.26
C GLU D 41 31.28 16.76 16.01
N GLU D 42 32.16 17.46 15.30
CA GLU D 42 32.88 18.56 15.92
C GLU D 42 31.96 19.76 16.10
N LYS D 43 32.07 20.41 17.24
CA LYS D 43 31.22 21.55 17.56
C LYS D 43 31.91 22.85 17.16
N VAL D 44 31.12 23.92 17.07
CA VAL D 44 31.61 25.23 16.69
C VAL D 44 31.80 26.07 17.93
N LEU D 45 32.73 27.01 17.85
CA LEU D 45 33.06 27.84 19.00
C LEU D 45 32.08 29.01 19.15
N LYS D 46 31.66 29.61 18.04
CA LYS D 46 30.73 30.72 18.06
C LYS D 46 29.71 30.56 16.94
N CYS D 47 28.47 30.95 17.22
CA CYS D 47 27.41 30.91 16.22
C CYS D 47 27.39 32.24 15.46
N ASP D 48 27.62 32.18 14.16
CA ASP D 48 27.61 33.36 13.31
C ASP D 48 27.24 32.94 11.89
N GLU D 49 27.18 33.93 11.00
CA GLU D 49 26.84 33.67 9.60
C GLU D 49 27.68 32.55 8.99
N LYS D 50 28.96 32.49 9.38
CA LYS D 50 29.85 31.47 8.81
C LYS D 50 29.63 30.09 9.41
N THR D 51 29.05 30.00 10.60
CA THR D 51 28.83 28.71 11.25
C THR D 51 27.34 28.47 11.51
N VAL D 52 26.50 28.75 10.52
CA VAL D 52 25.05 28.59 10.67
C VAL D 52 24.67 27.12 10.46
N ASN D 53 23.70 26.66 11.24
CA ASN D 53 23.19 25.29 11.20
C ASN D 53 24.26 24.25 11.48
N LYS D 54 25.31 24.63 12.17
CA LYS D 54 26.35 23.72 12.59
C LYS D 54 26.16 23.34 14.06
N PRO D 55 26.64 22.17 14.48
CA PRO D 55 26.47 21.79 15.89
C PRO D 55 27.29 22.69 16.81
N CYS D 56 26.64 23.19 17.85
CA CYS D 56 27.30 24.00 18.87
C CYS D 56 27.27 23.38 20.27
N GLY D 57 26.30 22.52 20.54
CA GLY D 57 26.25 21.76 21.78
C GLY D 57 25.42 20.51 21.53
N ASP D 58 25.37 19.66 22.55
CA ASP D 58 24.60 18.42 22.46
C ASP D 58 23.16 18.70 22.07
N PHE D 59 22.76 18.24 20.88
CA PHE D 59 21.39 18.41 20.36
C PHE D 59 21.03 19.89 20.26
N SER D 60 21.94 20.67 19.69
CA SER D 60 21.68 22.09 19.48
C SER D 60 22.47 22.59 18.28
N LYS D 61 21.79 23.36 17.43
CA LYS D 61 22.42 23.96 16.26
C LYS D 61 22.36 25.47 16.34
N CYS D 62 23.07 26.12 15.41
CA CYS D 62 23.06 27.57 15.33
C CYS D 62 21.85 28.03 14.52
N ILE D 63 21.29 29.19 14.90
CA ILE D 63 20.12 29.76 14.24
C ILE D 63 20.29 31.26 14.16
N LYS D 64 19.54 31.86 13.23
CA LYS D 64 19.46 33.30 13.07
C LYS D 64 18.06 33.78 13.45
N ILE D 65 17.95 35.08 13.75
CA ILE D 65 16.69 35.66 14.18
C ILE D 65 16.38 36.90 13.35
N ASP D 66 17.08 37.99 13.63
CA ASP D 66 16.85 39.25 12.91
C ASP D 66 18.06 40.17 13.00
N SER D 71 22.19 38.80 15.43
CA SER D 71 21.48 37.82 16.25
C SER D 71 21.69 36.41 15.73
N TYR D 72 22.71 35.74 16.28
CA TYR D 72 22.99 34.35 15.98
C TYR D 72 23.10 33.58 17.29
N ALA D 73 22.21 32.61 17.48
CA ALA D 73 22.09 31.89 18.75
C ALA D 73 22.39 30.41 18.55
N CYS D 74 22.56 29.71 19.67
CA CYS D 74 22.78 28.27 19.73
C CYS D 74 21.55 27.65 20.39
N LYS D 75 20.55 27.32 19.58
CA LYS D 75 19.28 26.81 20.07
C LYS D 75 19.23 25.30 20.01
N CYS D 76 18.50 24.71 20.96
CA CYS D 76 18.35 23.26 21.03
C CYS D 76 17.44 22.76 19.92
N ASN D 77 17.62 21.49 19.56
CA ASN D 77 16.80 20.86 18.53
C ASN D 77 15.35 20.78 18.98
N LEU D 78 14.47 20.50 18.02
CA LEU D 78 13.06 20.35 18.32
C LEU D 78 12.83 19.20 19.29
N GLY D 79 12.10 19.48 20.36
CA GLY D 79 11.85 18.50 21.42
C GLY D 79 12.74 18.65 22.62
N TYR D 80 13.71 19.55 22.59
CA TYR D 80 14.61 19.81 23.70
C TYR D 80 14.43 21.25 24.17
N ASP D 81 15.20 21.61 25.20
CA ASP D 81 15.19 22.97 25.72
C ASP D 81 16.50 23.22 26.44
N MET D 82 16.95 24.47 26.38
CA MET D 82 18.25 24.87 26.91
C MET D 82 18.09 25.25 28.38
N VAL D 83 18.58 24.41 29.28
CA VAL D 83 18.58 24.68 30.71
C VAL D 83 20.02 24.79 31.15
N ASN D 84 20.33 25.83 31.93
CA ASN D 84 21.70 26.18 32.27
C ASN D 84 22.47 26.36 30.96
N ASN D 85 23.20 25.32 30.54
CA ASN D 85 23.91 25.36 29.27
C ASN D 85 23.86 24.02 28.55
N VAL D 86 22.91 23.15 28.90
CA VAL D 86 22.76 21.86 28.24
C VAL D 86 21.32 21.72 27.75
N CYS D 87 21.15 20.98 26.67
CA CYS D 87 19.85 20.70 26.08
C CYS D 87 19.27 19.46 26.76
N ILE D 88 18.09 19.61 27.36
CA ILE D 88 17.43 18.49 28.03
C ILE D 88 16.01 18.38 27.48
N PRO D 89 15.42 17.19 27.46
CA PRO D 89 14.03 17.06 27.02
C PRO D 89 13.10 18.01 27.79
N ASN D 90 12.05 18.46 27.10
CA ASN D 90 11.14 19.44 27.69
C ASN D 90 10.45 18.90 28.92
N GLU D 91 10.19 17.59 28.97
CA GLU D 91 9.59 16.97 30.13
C GLU D 91 10.56 16.84 31.31
N CYS D 92 11.85 17.07 31.09
CA CYS D 92 12.84 17.07 32.15
C CYS D 92 13.12 18.48 32.68
N LYS D 93 12.21 19.43 32.45
CA LYS D 93 12.45 20.84 32.74
C LYS D 93 12.78 21.07 34.20
N GLN D 94 11.77 20.99 35.08
CA GLN D 94 11.95 21.23 36.51
C GLN D 94 11.99 19.93 37.31
N VAL D 95 12.55 18.88 36.74
CA VAL D 95 12.70 17.58 37.41
C VAL D 95 14.18 17.41 37.73
N THR D 96 14.51 17.47 39.03
CA THR D 96 15.88 17.27 39.50
C THR D 96 16.04 15.82 39.97
N CYS D 97 17.22 15.26 39.74
CA CYS D 97 17.52 13.88 40.13
C CYS D 97 18.64 13.82 41.15
N GLY D 98 19.84 14.31 40.82
CA GLY D 98 20.96 14.25 41.73
C GLY D 98 21.64 12.89 41.66
N ASN D 99 22.97 12.87 41.50
CA ASN D 99 23.71 11.64 41.24
C ASN D 99 23.13 10.88 40.04
N GLY D 100 22.73 11.63 39.02
CA GLY D 100 22.13 11.02 37.85
C GLY D 100 21.54 12.08 36.95
N LYS D 101 20.90 11.61 35.88
CA LYS D 101 20.32 12.47 34.86
C LYS D 101 18.83 12.16 34.72
N CYS D 102 18.17 12.99 33.91
CA CYS D 102 16.75 12.83 33.61
C CYS D 102 16.58 12.42 32.15
N ILE D 103 15.70 11.45 31.92
CA ILE D 103 15.46 10.92 30.58
C ILE D 103 13.96 10.73 30.39
N LEU D 104 13.59 10.20 29.22
CA LEU D 104 12.23 9.83 28.91
C LEU D 104 12.25 8.64 27.97
N ASP D 105 11.13 7.93 27.90
CA ASP D 105 11.04 6.71 27.11
C ASP D 105 9.98 6.87 26.03
N THR D 106 10.27 6.32 24.84
CA THR D 106 9.30 6.31 23.75
C THR D 106 8.22 5.26 23.91
N SER D 107 8.19 4.56 25.04
CA SER D 107 7.20 3.51 25.26
C SER D 107 5.84 4.09 25.66
N ASN D 108 5.83 5.03 26.60
CA ASN D 108 4.60 5.60 27.12
C ASN D 108 4.05 6.66 26.16
N PRO D 109 2.72 6.83 26.12
CA PRO D 109 2.14 7.86 25.25
C PRO D 109 2.51 9.28 25.67
N VAL D 110 2.17 9.65 26.91
CA VAL D 110 2.57 10.94 27.46
C VAL D 110 4.02 10.84 27.91
N LYS D 111 4.89 11.64 27.30
CA LYS D 111 6.30 11.62 27.66
C LYS D 111 6.48 12.02 29.11
N THR D 112 7.16 11.18 29.88
CA THR D 112 7.39 11.41 31.30
C THR D 112 8.89 11.43 31.57
N GLY D 113 9.33 12.40 32.36
CA GLY D 113 10.72 12.50 32.72
C GLY D 113 11.04 11.73 33.98
N VAL D 114 11.87 10.69 33.86
CA VAL D 114 12.28 9.90 35.01
C VAL D 114 13.77 10.06 35.23
N CYS D 115 14.31 9.42 36.26
CA CYS D 115 15.70 9.57 36.63
C CYS D 115 16.47 8.29 36.34
N SER D 116 17.63 8.43 35.72
CA SER D 116 18.57 7.34 35.52
C SER D 116 19.84 7.67 36.29
N CYS D 117 20.26 6.75 37.15
CA CYS D 117 21.26 7.04 38.18
C CYS D 117 22.66 6.61 37.76
N ASN D 118 23.64 7.17 38.45
CA ASN D 118 25.03 6.74 38.26
C ASN D 118 25.20 5.30 38.72
N ILE D 119 26.23 4.65 38.17
CA ILE D 119 26.50 3.26 38.52
C ILE D 119 26.87 3.18 40.00
N GLY D 120 26.17 2.31 40.73
CA GLY D 120 26.22 2.26 42.16
C GLY D 120 25.04 2.90 42.85
N LYS D 121 24.26 3.70 42.12
CA LYS D 121 23.06 4.33 42.64
C LYS D 121 21.84 3.81 41.90
N VAL D 122 20.70 3.88 42.56
CA VAL D 122 19.42 3.42 42.01
C VAL D 122 18.32 4.38 42.42
N PRO D 123 17.20 4.37 41.70
CA PRO D 123 16.06 5.22 42.09
C PRO D 123 15.59 4.92 43.51
N ASN D 124 15.60 5.96 44.34
CA ASN D 124 15.19 5.86 45.75
C ASN D 124 13.67 6.08 45.83
N VAL D 125 12.93 5.00 46.03
CA VAL D 125 11.46 5.07 46.00
C VAL D 125 10.93 5.94 47.13
N GLN D 126 11.62 6.00 48.26
CA GLN D 126 11.20 6.83 49.38
C GLN D 126 11.75 8.25 49.29
N ASP D 127 12.18 8.68 48.11
CA ASP D 127 12.74 10.00 47.89
C ASP D 127 12.24 10.56 46.56
N GLN D 128 10.96 10.34 46.25
CA GLN D 128 10.35 10.76 44.98
C GLN D 128 11.06 10.16 43.78
N ASN D 129 11.61 8.94 43.96
CA ASN D 129 12.30 8.21 42.91
C ASN D 129 13.47 9.01 42.32
N LYS D 130 14.22 9.68 43.19
CA LYS D 130 15.46 10.31 42.79
C LYS D 130 16.62 9.34 43.04
N CYS D 131 17.84 9.77 42.73
CA CYS D 131 19.00 8.90 42.81
C CYS D 131 19.75 9.16 44.12
N SER D 132 19.24 8.55 45.19
CA SER D 132 19.87 8.60 46.51
C SER D 132 20.21 7.24 47.08
N LYS D 133 19.40 6.22 46.80
CA LYS D 133 19.64 4.87 47.31
C LYS D 133 20.82 4.22 46.59
N ASP D 134 21.62 3.48 47.36
CA ASP D 134 22.70 2.69 46.77
C ASP D 134 22.13 1.39 46.22
N GLY D 135 22.70 0.93 45.10
CA GLY D 135 22.21 -0.29 44.47
C GLY D 135 23.01 -0.70 43.26
N GLU D 136 23.21 -2.01 43.10
CA GLU D 136 23.96 -2.53 41.96
C GLU D 136 23.10 -2.51 40.69
N THR D 137 23.77 -2.37 39.56
CA THR D 137 23.14 -2.42 38.25
C THR D 137 23.94 -3.35 37.35
N LYS D 138 23.31 -4.41 36.85
CA LYS D 138 24.00 -5.36 36.00
C LYS D 138 24.36 -4.72 34.67
N CYS D 139 25.65 -4.78 34.32
CA CYS D 139 26.11 -4.23 33.05
C CYS D 139 25.51 -5.00 31.90
N SER D 140 24.82 -4.28 31.01
CA SER D 140 24.15 -4.89 29.87
C SER D 140 24.92 -4.70 28.57
N LEU D 141 26.09 -4.05 28.62
CA LEU D 141 26.87 -3.80 27.42
C LEU D 141 27.55 -5.08 26.93
N LYS D 142 27.87 -5.10 25.65
CA LYS D 142 28.53 -6.24 25.01
C LYS D 142 29.95 -5.84 24.62
N CYS D 143 30.93 -6.26 25.41
CA CYS D 143 32.34 -6.03 25.10
C CYS D 143 32.95 -7.32 24.57
N LEU D 144 32.60 -7.63 23.32
CA LEU D 144 32.90 -8.96 22.78
C LEU D 144 34.39 -9.13 22.48
N LYS D 145 35.09 -8.04 22.15
CA LYS D 145 36.52 -8.14 21.89
C LYS D 145 37.26 -8.57 23.15
N GLU D 146 38.28 -9.41 22.98
CA GLU D 146 39.07 -9.81 24.13
C GLU D 146 39.95 -8.63 24.56
N GLN D 147 40.50 -8.75 25.77
CA GLN D 147 41.34 -7.75 26.43
C GLN D 147 40.53 -6.54 26.90
N GLU D 148 39.23 -6.48 26.59
CA GLU D 148 38.36 -5.42 27.08
C GLU D 148 37.16 -6.06 27.77
N THR D 149 36.74 -5.42 28.87
CA THR D 149 35.62 -5.88 29.67
C THR D 149 34.81 -4.67 30.12
N CYS D 150 33.61 -4.94 30.64
CA CYS D 150 32.75 -3.87 31.12
C CYS D 150 33.25 -3.40 32.47
N LYS D 151 33.73 -2.15 32.53
CA LYS D 151 34.16 -1.53 33.76
C LYS D 151 33.29 -0.33 34.08
N ALA D 152 33.38 0.13 35.32
CA ALA D 152 32.63 1.28 35.82
C ALA D 152 33.61 2.42 36.06
N VAL D 153 33.46 3.49 35.28
CA VAL D 153 34.34 4.65 35.36
C VAL D 153 33.50 5.90 35.61
N ASP D 154 33.83 6.63 36.67
CA ASP D 154 33.27 7.96 36.95
C ASP D 154 31.74 7.96 36.91
N GLY D 155 31.13 6.84 37.28
CA GLY D 155 29.69 6.76 37.41
C GLY D 155 28.96 6.09 36.27
N ILE D 156 29.65 5.71 35.19
CA ILE D 156 29.01 5.07 34.05
C ILE D 156 29.68 3.72 33.77
N TYR D 157 29.00 2.92 32.95
CA TYR D 157 29.52 1.66 32.45
C TYR D 157 30.09 1.85 31.05
N LYS D 158 31.26 1.26 30.80
CA LYS D 158 31.81 1.27 29.45
C LYS D 158 32.79 0.12 29.31
N CYS D 159 33.03 -0.27 28.07
CA CYS D 159 34.06 -1.27 27.78
C CYS D 159 35.44 -0.61 27.87
N ASP D 160 36.36 -1.27 28.56
CA ASP D 160 37.69 -0.73 28.76
C ASP D 160 38.69 -1.88 28.83
N CYS D 161 39.97 -1.54 28.65
CA CYS D 161 41.01 -2.56 28.63
C CYS D 161 41.13 -3.25 29.98
N LYS D 162 41.60 -4.50 29.94
CA LYS D 162 41.86 -5.26 31.17
C LYS D 162 43.33 -5.67 31.25
N GLU E 1 -2.98 -0.47 17.25
CA GLU E 1 -3.29 0.57 16.29
C GLU E 1 -2.10 0.90 15.39
N VAL E 2 -1.08 0.04 15.43
CA VAL E 2 0.08 0.17 14.56
C VAL E 2 -0.19 -0.63 13.29
N GLN E 3 0.01 -0.01 12.14
CA GLN E 3 -0.21 -0.65 10.85
C GLN E 3 0.98 -0.38 9.95
N LEU E 4 1.64 -1.45 9.50
CA LEU E 4 2.71 -1.37 8.52
C LEU E 4 2.23 -2.00 7.22
N VAL E 5 2.38 -1.27 6.11
CA VAL E 5 1.93 -1.74 4.81
C VAL E 5 3.14 -1.71 3.87
N GLU E 6 3.54 -2.87 3.40
CA GLU E 6 4.64 -2.96 2.45
C GLU E 6 4.07 -3.06 1.04
N SER E 7 4.80 -2.48 0.08
CA SER E 7 4.40 -2.49 -1.31
C SER E 7 5.66 -2.50 -2.17
N GLY E 8 5.46 -2.72 -3.46
CA GLY E 8 6.56 -2.73 -4.41
C GLY E 8 6.97 -4.10 -4.90
N GLY E 9 6.36 -5.16 -4.39
CA GLY E 9 6.68 -6.51 -4.82
C GLY E 9 6.16 -6.81 -6.21
N GLY E 10 6.07 -8.09 -6.55
CA GLY E 10 5.57 -8.48 -7.86
C GLY E 10 6.50 -9.42 -8.58
N LEU E 11 6.48 -9.38 -9.91
CA LEU E 11 7.25 -10.28 -10.76
C LEU E 11 8.55 -9.65 -11.19
N VAL E 12 9.56 -10.50 -11.38
CA VAL E 12 10.89 -10.06 -11.80
C VAL E 12 11.65 -11.28 -12.30
N GLN E 13 12.57 -11.06 -13.22
CA GLN E 13 13.36 -12.14 -13.76
C GLN E 13 14.67 -12.27 -12.99
N PRO E 14 15.29 -13.45 -13.02
CA PRO E 14 16.57 -13.62 -12.32
C PRO E 14 17.59 -12.63 -12.83
N GLY E 15 18.27 -11.96 -11.91
CA GLY E 15 19.17 -10.87 -12.21
C GLY E 15 18.54 -9.49 -12.11
N GLY E 16 17.22 -9.40 -12.24
CA GLY E 16 16.54 -8.12 -12.22
C GLY E 16 16.54 -7.50 -10.84
N SER E 17 15.96 -6.29 -10.78
CA SER E 17 15.92 -5.51 -9.56
C SER E 17 14.49 -5.26 -9.13
N LEU E 18 14.34 -4.86 -7.87
CA LEU E 18 13.04 -4.57 -7.27
C LEU E 18 13.29 -3.65 -6.08
N ARG E 19 12.33 -2.76 -5.83
CA ARG E 19 12.43 -1.81 -4.74
C ARG E 19 11.21 -1.94 -3.86
N LEU E 20 11.41 -2.35 -2.61
CA LEU E 20 10.33 -2.51 -1.67
C LEU E 20 10.18 -1.24 -0.83
N SER E 21 8.95 -0.95 -0.43
CA SER E 21 8.65 0.20 0.40
C SER E 21 7.75 -0.24 1.55
N CYS E 22 7.85 0.47 2.66
CA CYS E 22 7.08 0.15 3.87
C CYS E 22 6.66 1.47 4.51
N VAL E 23 5.36 1.73 4.57
CA VAL E 23 4.82 2.94 5.17
C VAL E 23 4.30 2.60 6.56
N ALA E 24 4.66 3.43 7.53
CA ALA E 24 4.33 3.19 8.93
C ALA E 24 3.27 4.17 9.41
N SER E 25 2.23 3.65 10.04
CA SER E 25 1.15 4.46 10.57
C SER E 25 0.86 4.04 12.01
N GLY E 26 0.26 4.96 12.77
CA GLY E 26 -0.16 4.68 14.12
C GLY E 26 0.88 4.93 15.20
N PHE E 27 2.07 5.41 14.84
CA PHE E 27 3.11 5.68 15.81
C PHE E 27 4.13 6.61 15.18
N THR E 28 5.04 7.10 16.01
CA THR E 28 6.12 7.98 15.55
C THR E 28 7.20 7.13 14.91
N PHE E 29 7.23 7.10 13.58
CA PHE E 29 8.16 6.24 12.86
C PHE E 29 9.61 6.64 13.12
N SER E 30 9.87 7.94 13.36
CA SER E 30 11.23 8.40 13.56
C SER E 30 11.81 8.04 14.93
N ASN E 31 11.06 7.32 15.77
CA ASN E 31 11.55 6.93 17.08
C ASN E 31 11.89 5.45 17.17
N TYR E 32 11.68 4.69 16.09
CA TYR E 32 11.76 3.24 16.14
C TYR E 32 12.76 2.70 15.15
N ASN E 33 13.52 1.69 15.58
CA ASN E 33 14.31 0.89 14.68
C ASN E 33 13.43 -0.14 13.99
N MET E 34 13.82 -0.55 12.79
CA MET E 34 12.95 -1.35 11.95
C MET E 34 13.73 -2.51 11.33
N ASN E 35 12.98 -3.54 10.93
CA ASN E 35 13.55 -4.74 10.33
C ASN E 35 12.86 -5.04 9.00
N TRP E 36 13.57 -5.78 8.16
CA TRP E 36 12.97 -6.45 7.00
C TRP E 36 13.12 -7.96 7.21
N VAL E 37 12.01 -8.68 7.14
CA VAL E 37 11.99 -10.12 7.30
C VAL E 37 11.17 -10.72 6.18
N ARG E 38 11.68 -11.80 5.59
CA ARG E 38 10.98 -12.51 4.53
C ARG E 38 10.69 -13.95 4.97
N GLN E 39 9.82 -14.60 4.21
CA GLN E 39 9.50 -16.01 4.44
C GLN E 39 9.27 -16.67 3.09
N ALA E 40 10.20 -17.53 2.69
CA ALA E 40 10.06 -18.27 1.46
C ALA E 40 8.99 -19.34 1.60
N PRO E 41 8.35 -19.75 0.49
CA PRO E 41 7.32 -20.79 0.59
C PRO E 41 7.89 -22.08 1.17
N GLY E 42 7.22 -22.58 2.20
CA GLY E 42 7.66 -23.78 2.88
C GLY E 42 8.94 -23.64 3.68
N LYS E 43 9.22 -22.43 4.17
CA LYS E 43 10.40 -22.17 4.97
C LYS E 43 10.02 -21.31 6.17
N GLY E 44 10.97 -21.13 7.08
CA GLY E 44 10.75 -20.30 8.25
C GLY E 44 11.11 -18.86 7.99
N LEU E 45 10.84 -18.02 9.01
CA LEU E 45 11.18 -16.62 8.91
C LEU E 45 12.69 -16.44 8.78
N GLU E 46 13.10 -15.55 7.89
CA GLU E 46 14.51 -15.22 7.68
C GLU E 46 14.69 -13.72 7.82
N TRP E 47 15.39 -13.29 8.86
CA TRP E 47 15.71 -11.88 9.03
C TRP E 47 16.69 -11.44 7.95
N LEU E 48 16.45 -10.24 7.40
CA LEU E 48 17.22 -9.73 6.28
C LEU E 48 18.07 -8.51 6.64
N SER E 49 17.48 -7.49 7.26
CA SER E 49 18.21 -6.25 7.48
C SER E 49 17.59 -5.49 8.64
N TYR E 50 18.42 -4.70 9.31
CA TYR E 50 18.02 -3.90 10.45
C TYR E 50 18.55 -2.48 10.26
N ILE E 51 17.75 -1.49 10.66
CA ILE E 51 18.14 -0.09 10.52
C ILE E 51 17.61 0.70 11.72
N SER E 52 18.47 1.52 12.31
CA SER E 52 18.08 2.35 13.44
C SER E 52 17.26 3.55 12.95
N SER E 53 16.67 4.27 13.91
CA SER E 53 15.82 5.40 13.56
C SER E 53 16.62 6.51 12.88
N SER E 54 17.84 6.76 13.35
CA SER E 54 18.69 7.77 12.76
C SER E 54 19.55 7.22 11.63
N SER E 55 19.31 5.98 11.21
CA SER E 55 20.00 5.33 10.10
C SER E 55 21.50 5.20 10.34
N GLY E 56 21.94 5.28 11.59
CA GLY E 56 23.36 5.21 11.90
C GLY E 56 23.85 3.79 12.11
N THR E 57 22.94 2.89 12.46
CA THR E 57 23.27 1.48 12.70
C THR E 57 22.49 0.63 11.71
N ILE E 58 23.20 -0.17 10.91
CA ILE E 58 22.60 -0.99 9.86
C ILE E 58 23.31 -2.34 9.84
N TYR E 59 22.54 -3.42 9.79
CA TYR E 59 23.10 -4.76 9.67
C TYR E 59 22.40 -5.49 8.52
N TYR E 60 23.12 -6.46 7.95
CA TYR E 60 22.60 -7.27 6.86
C TYR E 60 22.89 -8.74 7.12
N ALA E 61 21.99 -9.59 6.64
CA ALA E 61 22.26 -11.01 6.59
C ALA E 61 23.28 -11.32 5.51
N ASP E 62 24.08 -12.36 5.75
CA ASP E 62 25.08 -12.77 4.75
C ASP E 62 24.41 -13.11 3.43
N SER E 63 23.18 -13.62 3.46
CA SER E 63 22.48 -14.03 2.25
C SER E 63 22.08 -12.86 1.37
N VAL E 64 22.20 -11.61 1.85
CA VAL E 64 21.80 -10.46 1.06
C VAL E 64 22.87 -9.37 1.01
N LYS E 65 24.03 -9.59 1.62
CA LYS E 65 25.10 -8.60 1.56
C LYS E 65 25.51 -8.37 0.11
N GLY E 66 25.74 -7.10 -0.23
CA GLY E 66 26.18 -6.75 -1.57
C GLY E 66 25.05 -6.64 -2.57
N ARG E 67 23.95 -7.34 -2.34
CA ARG E 67 22.80 -7.30 -3.22
C ARG E 67 21.68 -6.39 -2.74
N PHE E 68 21.39 -6.38 -1.43
CA PHE E 68 20.27 -5.63 -0.87
C PHE E 68 20.78 -4.43 -0.09
N THR E 69 20.03 -3.32 -0.16
CA THR E 69 20.35 -2.09 0.55
C THR E 69 19.12 -1.56 1.28
N ILE E 70 19.27 -1.26 2.56
CA ILE E 70 18.18 -0.76 3.39
C ILE E 70 18.33 0.74 3.55
N SER E 71 17.19 1.42 3.70
CA SER E 71 17.16 2.87 3.89
C SER E 71 15.78 3.26 4.38
N ARG E 72 15.69 4.46 4.96
CA ARG E 72 14.44 4.98 5.47
C ARG E 72 14.36 6.49 5.23
N ASP E 73 13.13 7.00 5.25
CA ASP E 73 12.84 8.43 5.08
C ASP E 73 11.84 8.81 6.17
N ASN E 74 12.35 9.23 7.33
CA ASN E 74 11.46 9.50 8.47
C ASN E 74 10.43 10.57 8.14
N ALA E 75 10.75 11.50 7.25
CA ALA E 75 9.79 12.53 6.87
C ALA E 75 8.55 11.93 6.23
N LYS E 76 8.73 10.91 5.38
CA LYS E 76 7.62 10.25 4.70
C LYS E 76 7.15 8.99 5.41
N ASN E 77 7.62 8.75 6.64
CA ASN E 77 7.24 7.57 7.42
C ASN E 77 7.43 6.28 6.61
N SER E 78 8.48 6.24 5.81
CA SER E 78 8.69 5.14 4.88
C SER E 78 10.03 4.47 5.12
N MET E 79 10.14 3.26 4.58
CA MET E 79 11.32 2.42 4.74
C MET E 79 11.45 1.58 3.49
N TYR E 80 12.67 1.46 2.97
CA TYR E 80 12.87 0.89 1.65
C TYR E 80 13.87 -0.25 1.71
N LEU E 81 13.80 -1.11 0.70
CA LEU E 81 14.75 -2.22 0.53
C LEU E 81 15.01 -2.38 -0.96
N GLN E 82 16.19 -1.94 -1.41
CA GLN E 82 16.59 -2.14 -2.79
C GLN E 82 17.12 -3.56 -2.94
N MET E 83 16.60 -4.28 -3.94
CA MET E 83 16.91 -5.69 -4.13
C MET E 83 17.45 -5.88 -5.54
N ASN E 84 18.77 -6.06 -5.65
CA ASN E 84 19.44 -6.28 -6.91
C ASN E 84 19.97 -7.70 -6.99
N SER E 85 20.29 -8.12 -8.21
CA SER E 85 20.84 -9.44 -8.47
C SER E 85 19.95 -10.54 -7.88
N LEU E 86 18.65 -10.42 -8.16
CA LEU E 86 17.68 -11.34 -7.60
C LEU E 86 17.85 -12.74 -8.19
N ARG E 87 17.86 -13.74 -7.31
CA ARG E 87 17.86 -15.14 -7.69
C ARG E 87 16.49 -15.74 -7.41
N ALA E 88 16.27 -16.94 -7.94
CA ALA E 88 14.99 -17.62 -7.73
C ALA E 88 14.74 -17.89 -6.25
N GLU E 89 15.79 -18.17 -5.49
CA GLU E 89 15.65 -18.44 -4.05
C GLU E 89 15.14 -17.24 -3.27
N ASP E 90 15.14 -16.04 -3.86
CA ASP E 90 14.60 -14.86 -3.19
C ASP E 90 13.08 -14.80 -3.26
N THR E 91 12.44 -15.74 -3.95
CA THR E 91 10.99 -15.80 -4.01
C THR E 91 10.41 -16.03 -2.63
N ALA E 92 9.70 -15.03 -2.08
CA ALA E 92 9.24 -15.06 -0.70
C ALA E 92 8.23 -13.95 -0.48
N VAL E 93 7.59 -13.99 0.68
CA VAL E 93 6.76 -12.89 1.17
C VAL E 93 7.63 -12.02 2.07
N TYR E 94 7.72 -10.73 1.77
CA TYR E 94 8.60 -9.82 2.48
C TYR E 94 7.81 -8.93 3.42
N TYR E 95 8.23 -8.88 4.68
CA TYR E 95 7.58 -8.09 5.72
C TYR E 95 8.54 -7.04 6.25
N CYS E 96 7.99 -5.88 6.64
CA CYS E 96 8.71 -4.94 7.48
C CYS E 96 8.17 -5.04 8.90
N VAL E 97 9.07 -4.93 9.87
CA VAL E 97 8.75 -5.20 11.27
C VAL E 97 9.22 -4.03 12.12
N ARG E 98 8.38 -3.63 13.08
CA ARG E 98 8.81 -2.64 14.05
C ARG E 98 9.57 -3.32 15.17
N VAL E 99 10.66 -2.70 15.61
CA VAL E 99 11.57 -3.29 16.58
C VAL E 99 11.61 -2.37 17.80
N GLU E 100 10.82 -2.72 18.82
CA GLU E 100 10.89 -2.02 20.09
C GLU E 100 12.07 -2.56 20.91
N TYR E 101 12.57 -1.72 21.81
CA TYR E 101 13.66 -2.08 22.70
C TYR E 101 13.30 -1.62 24.11
N TYR E 102 13.07 -2.56 25.01
CA TYR E 102 12.68 -2.25 26.37
C TYR E 102 13.88 -2.33 27.30
N TYR E 103 14.03 -1.32 28.14
CA TYR E 103 15.05 -1.27 29.20
C TYR E 103 14.53 -1.97 30.46
N GLY E 104 14.24 -3.27 30.30
CA GLY E 104 13.59 -4.01 31.37
C GLY E 104 14.49 -4.21 32.57
N SER E 105 13.85 -4.50 33.71
CA SER E 105 14.57 -4.68 34.96
C SER E 105 15.25 -6.03 35.06
N SER E 106 14.95 -6.95 34.14
CA SER E 106 15.62 -8.25 34.07
C SER E 106 16.58 -8.33 32.89
N GLY E 107 16.85 -7.21 32.23
CA GLY E 107 17.69 -7.19 31.05
C GLY E 107 17.05 -6.43 29.91
N TYR E 108 17.86 -5.95 28.96
CA TYR E 108 17.36 -5.21 27.81
C TYR E 108 17.09 -6.17 26.67
N TYR E 109 15.92 -6.05 26.03
CA TYR E 109 15.55 -6.97 24.98
C TYR E 109 14.83 -6.24 23.85
N TYR E 110 14.90 -6.83 22.66
CA TYR E 110 14.15 -6.39 21.50
C TYR E 110 12.78 -7.06 21.50
N ASP E 111 11.83 -6.41 20.84
CA ASP E 111 10.48 -6.96 20.70
C ASP E 111 9.96 -6.60 19.31
N PHE E 112 9.82 -7.61 18.45
CA PHE E 112 9.29 -7.41 17.09
C PHE E 112 7.76 -7.39 17.21
N ASP E 113 7.24 -6.23 17.61
CA ASP E 113 5.87 -6.13 18.07
C ASP E 113 4.86 -5.73 16.98
N SER E 114 5.31 -5.51 15.75
CA SER E 114 4.40 -5.13 14.68
C SER E 114 4.91 -5.70 13.36
N TRP E 115 4.05 -6.42 12.65
CA TRP E 115 4.40 -7.05 11.38
C TRP E 115 3.36 -6.67 10.33
N GLY E 116 3.83 -6.23 9.17
CA GLY E 116 2.94 -5.93 8.08
C GLY E 116 2.36 -7.17 7.44
N GLN E 117 1.38 -6.96 6.56
CA GLN E 117 0.73 -8.08 5.89
C GLN E 117 1.66 -8.79 4.92
N GLY E 118 2.73 -8.15 4.49
CA GLY E 118 3.67 -8.77 3.58
C GLY E 118 3.39 -8.42 2.12
N THR E 119 4.43 -8.55 1.31
CA THR E 119 4.32 -8.41 -0.13
C THR E 119 5.06 -9.56 -0.79
N LEU E 120 4.45 -10.16 -1.81
CA LEU E 120 4.99 -11.36 -2.42
C LEU E 120 5.91 -10.99 -3.59
N VAL E 121 7.11 -11.56 -3.58
CA VAL E 121 8.09 -11.38 -4.65
C VAL E 121 8.32 -12.73 -5.30
N THR E 122 8.14 -12.79 -6.63
CA THR E 122 8.36 -14.01 -7.39
C THR E 122 9.45 -13.75 -8.42
N VAL E 123 10.59 -14.42 -8.25
CA VAL E 123 11.70 -14.34 -9.20
C VAL E 123 11.66 -15.58 -10.07
N SER E 124 11.45 -15.38 -11.36
CA SER E 124 11.31 -16.51 -12.28
C SER E 124 11.47 -16.02 -13.71
N SER E 125 11.83 -16.95 -14.58
CA SER E 125 11.93 -16.67 -16.01
C SER E 125 10.61 -16.91 -16.73
N ALA E 126 9.59 -17.41 -16.03
CA ALA E 126 8.30 -17.68 -16.65
C ALA E 126 7.52 -16.39 -16.84
N SER E 127 6.61 -16.41 -17.80
CA SER E 127 5.72 -15.28 -18.05
C SER E 127 4.33 -15.61 -17.54
N THR E 128 3.58 -14.56 -17.20
CA THR E 128 2.27 -14.74 -16.57
C THR E 128 1.36 -15.56 -17.46
N LYS E 129 0.80 -16.63 -16.89
CA LYS E 129 -0.08 -17.53 -17.63
C LYS E 129 -1.24 -17.95 -16.74
N GLY E 130 -2.45 -17.91 -17.29
CA GLY E 130 -3.62 -18.34 -16.59
C GLY E 130 -3.72 -19.85 -16.55
N PRO E 131 -4.47 -20.37 -15.58
CA PRO E 131 -4.54 -21.82 -15.39
C PRO E 131 -5.54 -22.48 -16.33
N SER E 132 -5.29 -23.77 -16.60
CA SER E 132 -6.26 -24.63 -17.23
C SER E 132 -6.96 -25.42 -16.14
N VAL E 133 -8.28 -25.31 -16.08
CA VAL E 133 -9.09 -25.94 -15.04
C VAL E 133 -9.71 -27.20 -15.63
N PHE E 134 -9.29 -28.36 -15.12
CA PHE E 134 -9.84 -29.63 -15.57
C PHE E 134 -10.68 -30.26 -14.48
N PRO E 135 -11.75 -30.96 -14.84
CA PRO E 135 -12.62 -31.54 -13.80
C PRO E 135 -12.07 -32.87 -13.29
N LEU E 136 -12.24 -33.08 -11.98
CA LEU E 136 -11.99 -34.37 -11.34
C LEU E 136 -13.36 -34.96 -11.00
N ALA E 137 -13.89 -35.77 -11.92
CA ALA E 137 -15.26 -36.22 -11.86
C ALA E 137 -15.42 -37.37 -10.86
N PRO E 138 -16.57 -37.45 -10.18
CA PRO E 138 -16.80 -38.57 -9.26
C PRO E 138 -17.14 -39.84 -10.00
N SER E 139 -16.84 -40.96 -9.35
CA SER E 139 -17.14 -42.28 -9.89
C SER E 139 -17.13 -43.27 -8.73
N SER E 140 -17.27 -44.57 -9.06
CA SER E 140 -17.15 -45.60 -8.03
C SER E 140 -15.77 -45.58 -7.39
N LYS E 141 -14.76 -45.14 -8.12
CA LYS E 141 -13.41 -45.01 -7.60
C LYS E 141 -13.22 -43.74 -6.78
N SER E 142 -14.28 -42.94 -6.59
CA SER E 142 -14.22 -41.74 -5.76
C SER E 142 -15.27 -41.76 -4.65
N THR E 143 -15.97 -42.88 -4.47
CA THR E 143 -17.02 -43.00 -3.47
C THR E 143 -16.53 -43.81 -2.27
N SER E 144 -17.03 -43.42 -1.10
CA SER E 144 -16.79 -44.15 0.15
C SER E 144 -18.06 -44.04 0.98
N GLY E 145 -18.74 -45.16 1.15
CA GLY E 145 -20.01 -45.12 1.87
C GLY E 145 -21.01 -44.31 1.07
N GLY E 146 -21.70 -43.41 1.75
CA GLY E 146 -22.67 -42.54 1.12
C GLY E 146 -22.14 -41.20 0.68
N THR E 147 -20.83 -41.03 0.62
CA THR E 147 -20.21 -39.76 0.26
C THR E 147 -19.28 -39.93 -0.93
N ALA E 148 -19.35 -39.00 -1.86
CA ALA E 148 -18.52 -38.99 -3.06
C ALA E 148 -17.66 -37.74 -3.08
N ALA E 149 -16.46 -37.89 -3.61
CA ALA E 149 -15.49 -36.79 -3.67
C ALA E 149 -15.27 -36.39 -5.13
N LEU E 150 -15.29 -35.08 -5.38
CA LEU E 150 -15.03 -34.52 -6.70
C LEU E 150 -14.14 -33.30 -6.52
N GLY E 151 -13.62 -32.80 -7.63
CA GLY E 151 -12.71 -31.66 -7.52
C GLY E 151 -12.38 -31.05 -8.86
N CYS E 152 -11.47 -30.08 -8.81
CA CYS E 152 -10.99 -29.36 -9.98
C CYS E 152 -9.47 -29.35 -9.96
N LEU E 153 -8.86 -29.59 -11.12
CA LEU E 153 -7.41 -29.55 -11.28
C LEU E 153 -7.03 -28.21 -11.90
N VAL E 154 -6.38 -27.36 -11.11
CA VAL E 154 -5.95 -26.04 -11.55
C VAL E 154 -4.48 -26.16 -11.92
N LYS E 155 -4.20 -26.28 -13.22
CA LYS E 155 -2.88 -26.68 -13.69
C LYS E 155 -2.24 -25.61 -14.55
N ASP E 156 -0.90 -25.54 -14.43
CA ASP E 156 -0.05 -24.75 -15.32
C ASP E 156 -0.43 -23.26 -15.32
N TYR E 157 -0.32 -22.65 -14.14
CA TYR E 157 -0.49 -21.21 -14.01
C TYR E 157 0.75 -20.59 -13.38
N PHE E 158 0.88 -19.28 -13.58
CA PHE E 158 1.97 -18.49 -13.01
C PHE E 158 1.55 -17.03 -13.06
N PRO E 159 1.78 -16.26 -11.99
CA PRO E 159 2.36 -16.71 -10.71
C PRO E 159 1.30 -17.01 -9.66
N GLU E 160 1.74 -17.14 -8.42
CA GLU E 160 0.81 -17.25 -7.31
C GLU E 160 0.12 -15.90 -7.07
N PRO E 161 -1.11 -15.91 -6.53
CA PRO E 161 -1.90 -17.08 -6.19
C PRO E 161 -3.16 -17.24 -7.04
N VAL E 162 -3.85 -18.36 -6.83
CA VAL E 162 -5.21 -18.55 -7.35
C VAL E 162 -6.15 -18.71 -6.15
N THR E 163 -7.40 -18.35 -6.36
CA THR E 163 -8.45 -18.53 -5.36
C THR E 163 -9.51 -19.43 -5.94
N VAL E 164 -9.77 -20.56 -5.28
CA VAL E 164 -10.75 -21.54 -5.71
C VAL E 164 -11.91 -21.51 -4.73
N SER E 165 -13.13 -21.37 -5.25
CA SER E 165 -14.35 -21.49 -4.46
C SER E 165 -15.28 -22.48 -5.15
N TRP E 166 -16.27 -22.95 -4.40
CA TRP E 166 -17.21 -23.95 -4.89
C TRP E 166 -18.63 -23.42 -4.82
N ASN E 167 -19.35 -23.50 -5.94
CA ASN E 167 -20.73 -23.05 -6.06
C ASN E 167 -20.87 -21.60 -5.62
N SER E 168 -19.92 -20.77 -6.03
CA SER E 168 -19.94 -19.33 -5.77
C SER E 168 -20.08 -19.02 -4.28
N GLY E 169 -19.38 -19.81 -3.46
CA GLY E 169 -19.37 -19.61 -2.02
C GLY E 169 -20.47 -20.31 -1.26
N ALA E 170 -21.45 -20.89 -1.95
CA ALA E 170 -22.52 -21.60 -1.24
C ALA E 170 -21.99 -22.85 -0.55
N LEU E 171 -21.10 -23.59 -1.21
CA LEU E 171 -20.56 -24.84 -0.68
C LEU E 171 -19.18 -24.59 -0.10
N THR E 172 -19.08 -24.66 1.23
CA THR E 172 -17.81 -24.49 1.93
C THR E 172 -17.43 -25.69 2.79
N SER E 173 -18.40 -26.46 3.28
CA SER E 173 -18.10 -27.57 4.15
C SER E 173 -17.54 -28.74 3.33
N GLY E 174 -16.48 -29.36 3.84
CA GLY E 174 -15.89 -30.50 3.16
C GLY E 174 -14.97 -30.16 2.03
N VAL E 175 -14.50 -28.92 1.92
CA VAL E 175 -13.65 -28.48 0.82
C VAL E 175 -12.19 -28.58 1.26
N HIS E 176 -11.34 -29.05 0.34
CA HIS E 176 -9.90 -29.14 0.58
C HIS E 176 -9.21 -28.62 -0.67
N THR E 177 -8.71 -27.39 -0.61
CA THR E 177 -7.90 -26.81 -1.68
C THR E 177 -6.44 -26.90 -1.24
N PHE E 178 -5.67 -27.75 -1.92
CA PHE E 178 -4.31 -28.06 -1.51
C PHE E 178 -3.34 -26.94 -1.91
N PRO E 179 -2.25 -26.81 -1.16
CA PRO E 179 -1.19 -25.89 -1.59
C PRO E 179 -0.64 -26.28 -2.96
N ALA E 180 -0.31 -25.28 -3.76
CA ALA E 180 0.20 -25.51 -5.09
C ALA E 180 1.64 -26.04 -5.03
N VAL E 181 2.00 -26.82 -6.04
CA VAL E 181 3.37 -27.29 -6.22
C VAL E 181 3.96 -26.59 -7.43
N LEU E 182 5.26 -26.37 -7.39
CA LEU E 182 5.99 -25.74 -8.49
C LEU E 182 6.58 -26.84 -9.37
N GLN E 183 6.14 -26.90 -10.62
CA GLN E 183 6.54 -27.96 -11.53
C GLN E 183 7.89 -27.62 -12.17
N SER E 184 8.41 -28.55 -12.97
CA SER E 184 9.69 -28.33 -13.66
C SER E 184 9.57 -27.25 -14.71
N SER E 185 8.38 -27.07 -15.29
CA SER E 185 8.15 -26.04 -16.30
C SER E 185 8.18 -24.63 -15.73
N GLY E 186 8.33 -24.46 -14.43
CA GLY E 186 8.22 -23.16 -13.81
C GLY E 186 6.81 -22.72 -13.52
N LEU E 187 5.81 -23.53 -13.87
CA LEU E 187 4.41 -23.21 -13.62
C LEU E 187 3.90 -23.94 -12.39
N TYR E 188 2.91 -23.33 -11.73
CA TYR E 188 2.31 -23.89 -10.54
C TYR E 188 1.10 -24.74 -10.92
N SER E 189 0.72 -25.62 -10.00
CA SER E 189 -0.45 -26.47 -10.20
C SER E 189 -1.00 -26.88 -8.84
N LEU E 190 -2.31 -26.74 -8.66
CA LEU E 190 -2.97 -27.20 -7.45
C LEU E 190 -4.32 -27.81 -7.80
N SER E 191 -4.86 -28.57 -6.86
CA SER E 191 -6.17 -29.18 -6.97
C SER E 191 -7.02 -28.79 -5.77
N SER E 192 -8.32 -28.64 -6.00
CA SER E 192 -9.29 -28.38 -4.94
C SER E 192 -10.39 -29.42 -5.04
N VAL E 193 -10.63 -30.14 -3.95
CA VAL E 193 -11.62 -31.21 -3.92
C VAL E 193 -12.64 -30.91 -2.82
N VAL E 194 -13.82 -31.50 -2.97
CA VAL E 194 -14.91 -31.35 -2.01
C VAL E 194 -15.66 -32.67 -1.89
N THR E 195 -16.10 -32.97 -0.68
CA THR E 195 -16.85 -34.19 -0.38
C THR E 195 -18.33 -33.88 -0.28
N VAL E 196 -19.15 -34.62 -1.01
CA VAL E 196 -20.59 -34.36 -1.03
C VAL E 196 -21.31 -35.69 -0.89
N PRO E 197 -22.57 -35.67 -0.45
CA PRO E 197 -23.38 -36.90 -0.45
C PRO E 197 -23.55 -37.44 -1.86
N SER E 198 -23.28 -38.73 -2.02
CA SER E 198 -23.33 -39.36 -3.33
C SER E 198 -24.71 -39.33 -3.96
N SER E 199 -25.77 -39.14 -3.17
CA SER E 199 -27.11 -39.12 -3.73
C SER E 199 -27.37 -37.84 -4.53
N SER E 200 -26.74 -36.73 -4.14
CA SER E 200 -27.00 -35.44 -4.77
C SER E 200 -26.32 -35.28 -6.13
N LEU E 201 -25.47 -36.22 -6.53
CA LEU E 201 -24.74 -36.08 -7.80
C LEU E 201 -25.67 -36.00 -9.00
N GLY E 202 -26.90 -36.49 -8.88
CA GLY E 202 -27.84 -36.47 -9.98
C GLY E 202 -28.78 -35.29 -9.96
N THR E 203 -29.00 -34.72 -8.78
CA THR E 203 -29.93 -33.62 -8.60
C THR E 203 -29.24 -32.38 -8.04
N GLN E 204 -27.97 -32.18 -8.38
CA GLN E 204 -27.22 -31.03 -7.90
C GLN E 204 -26.02 -30.80 -8.78
N THR E 205 -25.81 -29.56 -9.21
CA THR E 205 -24.69 -29.18 -10.04
C THR E 205 -23.58 -28.64 -9.14
N TYR E 206 -22.34 -28.99 -9.46
CA TYR E 206 -21.17 -28.56 -8.70
C TYR E 206 -20.22 -27.84 -9.63
N ILE E 207 -20.00 -26.55 -9.37
CA ILE E 207 -19.13 -25.70 -10.19
C ILE E 207 -18.05 -25.13 -9.29
N CYS E 208 -16.79 -25.27 -9.72
CA CYS E 208 -15.66 -24.67 -9.02
C CYS E 208 -15.33 -23.34 -9.69
N ASN E 209 -15.12 -22.31 -8.87
CA ASN E 209 -14.82 -20.96 -9.35
C ASN E 209 -13.34 -20.70 -9.12
N VAL E 210 -12.56 -20.72 -10.20
CA VAL E 210 -11.11 -20.54 -10.15
C VAL E 210 -10.80 -19.15 -10.68
N ASN E 211 -10.10 -18.35 -9.88
CA ASN E 211 -9.71 -17.00 -10.27
C ASN E 211 -8.20 -16.85 -10.13
N HIS E 212 -7.57 -16.28 -11.16
CA HIS E 212 -6.13 -16.02 -11.17
C HIS E 212 -5.96 -14.55 -11.54
N LYS E 213 -5.93 -13.69 -10.51
CA LYS E 213 -5.88 -12.26 -10.75
C LYS E 213 -4.69 -11.80 -11.60
N PRO E 214 -3.47 -12.34 -11.44
CA PRO E 214 -2.36 -11.83 -12.27
C PRO E 214 -2.62 -11.91 -13.77
N SER E 215 -3.21 -12.99 -14.25
CA SER E 215 -3.53 -13.13 -15.67
C SER E 215 -4.93 -12.62 -16.01
N ASN E 216 -5.68 -12.13 -15.02
CA ASN E 216 -7.07 -11.68 -15.22
C ASN E 216 -7.94 -12.83 -15.75
N THR E 217 -7.68 -14.04 -15.24
CA THR E 217 -8.37 -15.23 -15.69
C THR E 217 -9.41 -15.65 -14.67
N LYS E 218 -10.65 -15.85 -15.13
CA LYS E 218 -11.71 -16.40 -14.31
C LYS E 218 -12.32 -17.59 -15.05
N VAL E 219 -12.42 -18.72 -14.38
CA VAL E 219 -12.95 -19.94 -14.97
C VAL E 219 -13.95 -20.57 -14.01
N ASP E 220 -15.16 -20.81 -14.51
CA ASP E 220 -16.16 -21.59 -13.79
C ASP E 220 -16.29 -22.93 -14.52
N LYS E 221 -16.08 -24.02 -13.78
CA LYS E 221 -16.05 -25.35 -14.36
C LYS E 221 -17.08 -26.23 -13.67
N LYS E 222 -18.06 -26.71 -14.44
CA LYS E 222 -19.03 -27.66 -13.92
C LYS E 222 -18.45 -29.06 -13.99
N VAL E 223 -18.46 -29.77 -12.86
CA VAL E 223 -17.93 -31.12 -12.77
C VAL E 223 -19.09 -32.08 -12.95
N GLU E 224 -19.16 -32.70 -14.12
CA GLU E 224 -20.25 -33.65 -14.40
C GLU E 224 -19.89 -35.04 -13.87
N PRO E 225 -20.78 -35.69 -13.12
CA PRO E 225 -20.51 -37.05 -12.67
C PRO E 225 -20.50 -38.05 -13.81
N LYS E 226 -19.83 -39.17 -13.57
CA LYS E 226 -19.73 -40.28 -14.51
C LYS E 226 -20.54 -41.46 -13.96
N SER E 227 -20.85 -42.40 -14.86
CA SER E 227 -21.71 -43.52 -14.48
C SER E 227 -20.96 -44.66 -13.79
N CYS E 228 -19.64 -44.71 -13.92
CA CYS E 228 -18.88 -45.74 -13.20
C CYS E 228 -18.41 -45.21 -11.85
N ASP F 1 26.46 -16.19 8.84
CA ASP F 1 26.13 -15.74 10.19
C ASP F 1 26.03 -16.94 11.13
N ILE F 2 25.64 -16.69 12.37
CA ILE F 2 25.43 -17.78 13.33
C ILE F 2 24.26 -18.62 12.87
N VAL F 3 24.43 -19.95 12.90
CA VAL F 3 23.40 -20.88 12.46
C VAL F 3 22.55 -21.30 13.64
N MET F 4 21.23 -21.30 13.45
CA MET F 4 20.27 -21.75 14.47
C MET F 4 19.47 -22.91 13.90
N THR F 5 19.44 -24.02 14.64
CA THR F 5 18.77 -25.23 14.20
C THR F 5 17.91 -25.77 15.33
N GLN F 6 16.62 -25.98 15.05
CA GLN F 6 15.68 -26.48 16.03
C GLN F 6 15.33 -27.94 15.73
N SER F 7 14.81 -28.62 16.75
CA SER F 7 14.31 -29.99 16.62
C SER F 7 13.26 -30.18 17.70
N PRO F 8 12.17 -30.91 17.41
CA PRO F 8 11.91 -31.54 16.11
C PRO F 8 11.32 -30.55 15.12
N LEU F 9 11.02 -31.02 13.91
CA LEU F 9 10.33 -30.19 12.94
C LEU F 9 8.86 -30.06 13.27
N SER F 10 8.22 -31.16 13.65
CA SER F 10 6.82 -31.20 14.07
C SER F 10 6.71 -31.92 15.40
N LEU F 11 5.97 -31.32 16.34
CA LEU F 11 5.79 -31.92 17.67
C LEU F 11 4.30 -32.08 17.95
N PRO F 12 3.75 -33.29 17.76
CA PRO F 12 2.35 -33.53 18.15
C PRO F 12 2.23 -33.64 19.66
N VAL F 13 1.23 -32.97 20.23
CA VAL F 13 0.97 -32.96 21.66
C VAL F 13 -0.52 -33.10 21.90
N THR F 14 -0.89 -33.91 22.90
CA THR F 14 -2.28 -33.92 23.35
C THR F 14 -2.47 -32.87 24.44
N PRO F 15 -3.46 -32.00 24.32
CA PRO F 15 -3.64 -30.91 25.29
C PRO F 15 -3.66 -31.42 26.72
N GLY F 16 -2.82 -30.83 27.56
CA GLY F 16 -2.72 -31.21 28.95
C GLY F 16 -1.34 -31.70 29.36
N GLU F 17 -0.67 -32.42 28.46
CA GLU F 17 0.67 -32.94 28.72
C GLU F 17 1.73 -31.93 28.31
N PRO F 18 2.95 -32.07 28.81
CA PRO F 18 4.00 -31.09 28.51
C PRO F 18 4.56 -31.25 27.10
N ALA F 19 5.41 -30.28 26.73
CA ALA F 19 6.07 -30.28 25.43
C ALA F 19 7.40 -29.55 25.55
N SER F 20 8.40 -30.06 24.84
CA SER F 20 9.73 -29.46 24.79
C SER F 20 10.14 -29.21 23.35
N ILE F 21 10.85 -28.12 23.13
CA ILE F 21 11.40 -27.77 21.83
C ILE F 21 12.88 -27.45 22.01
N SER F 22 13.73 -28.07 21.19
CA SER F 22 15.17 -27.88 21.26
C SER F 22 15.63 -26.86 20.23
N CYS F 23 16.68 -26.12 20.59
CA CYS F 23 17.27 -25.10 19.71
C CYS F 23 18.77 -25.07 19.94
N ARG F 24 19.54 -25.22 18.86
CA ARG F 24 20.99 -25.23 18.93
C ARG F 24 21.61 -24.11 18.13
N SER F 25 22.74 -23.61 18.63
CA SER F 25 23.47 -22.51 18.02
C SER F 25 24.82 -23.00 17.52
N SER F 26 25.26 -22.44 16.40
CA SER F 26 26.56 -22.81 15.85
C SER F 26 27.72 -22.32 16.69
N GLN F 27 27.46 -21.41 17.63
CA GLN F 27 28.48 -20.93 18.55
C GLN F 27 27.80 -20.39 19.79
N SER F 28 28.59 -20.24 20.86
CA SER F 28 28.04 -19.87 22.16
C SER F 28 27.34 -18.52 22.12
N LEU F 29 26.12 -18.48 22.66
CA LEU F 29 25.34 -17.25 22.78
C LEU F 29 25.44 -16.62 24.16
N LEU F 30 26.36 -17.09 25.00
CA LEU F 30 26.53 -16.58 26.36
C LEU F 30 27.62 -15.53 26.38
N HIS F 31 27.34 -14.41 27.06
CA HIS F 31 28.35 -13.38 27.24
C HIS F 31 27.98 -12.54 28.45
N ASN F 32 28.92 -12.43 29.40
CA ASN F 32 28.75 -11.58 30.58
C ASN F 32 27.51 -11.99 31.38
N GLY F 33 27.27 -13.29 31.46
CA GLY F 33 26.15 -13.81 32.21
C GLY F 33 24.80 -13.68 31.54
N TYR F 34 24.76 -13.30 30.26
CA TYR F 34 23.52 -13.24 29.49
C TYR F 34 23.57 -14.22 28.34
N ASN F 35 22.42 -14.84 28.04
CA ASN F 35 22.27 -15.70 26.89
C ASN F 35 21.41 -14.96 25.87
N TYR F 36 22.02 -14.53 24.78
CA TYR F 36 21.35 -13.69 23.78
C TYR F 36 20.56 -14.59 22.83
N LEU F 37 19.42 -15.07 23.33
CA LEU F 37 18.52 -15.92 22.56
C LEU F 37 17.09 -15.64 23.00
N ASP F 38 16.21 -15.42 22.03
CA ASP F 38 14.80 -15.16 22.28
C ASP F 38 13.96 -16.27 21.66
N TRP F 39 12.69 -16.32 22.07
CA TRP F 39 11.71 -17.26 21.53
C TRP F 39 10.49 -16.50 21.06
N TYR F 40 10.00 -16.87 19.87
CA TYR F 40 8.80 -16.27 19.30
C TYR F 40 7.80 -17.36 18.93
N LEU F 41 6.52 -17.02 19.01
CA LEU F 41 5.44 -17.92 18.63
C LEU F 41 4.61 -17.26 17.53
N GLN F 42 4.36 -18.00 16.45
CA GLN F 42 3.53 -17.54 15.35
C GLN F 42 2.27 -18.42 15.31
N LYS F 43 1.23 -17.96 15.99
CA LYS F 43 -0.05 -18.66 15.95
C LYS F 43 -0.66 -18.56 14.55
N PRO F 44 -1.52 -19.50 14.17
CA PRO F 44 -2.06 -19.51 12.81
C PRO F 44 -2.80 -18.22 12.47
N GLY F 45 -2.47 -17.65 11.32
CA GLY F 45 -3.10 -16.42 10.86
C GLY F 45 -2.80 -15.21 11.71
N GLN F 46 -1.70 -15.21 12.45
CA GLN F 46 -1.31 -14.10 13.30
C GLN F 46 0.16 -13.78 13.10
N SER F 47 0.55 -12.60 13.56
CA SER F 47 1.95 -12.20 13.50
C SER F 47 2.75 -12.95 14.57
N PRO F 48 4.06 -13.08 14.36
CA PRO F 48 4.90 -13.61 15.45
C PRO F 48 4.84 -12.72 16.67
N GLN F 49 4.91 -13.34 17.84
CA GLN F 49 4.85 -12.62 19.10
C GLN F 49 5.92 -13.16 20.04
N LEU F 50 6.57 -12.25 20.76
CA LEU F 50 7.66 -12.62 21.65
C LEU F 50 7.15 -13.43 22.83
N LEU F 51 7.88 -14.49 23.18
CA LEU F 51 7.58 -15.32 24.33
C LEU F 51 8.66 -15.23 25.39
N ILE F 52 9.90 -15.57 25.03
CA ILE F 52 11.02 -15.58 25.96
C ILE F 52 12.11 -14.66 25.41
N TYR F 53 12.73 -13.89 26.30
CA TYR F 53 13.85 -13.05 25.93
C TYR F 53 15.02 -13.34 26.87
N LEU F 54 16.23 -13.20 26.34
CA LEU F 54 17.46 -13.47 27.09
C LEU F 54 17.42 -14.87 27.71
N GLY F 55 17.07 -15.85 26.89
CA GLY F 55 17.10 -17.24 27.32
C GLY F 55 15.97 -17.78 28.18
N SER F 56 15.65 -17.10 29.29
CA SER F 56 14.77 -17.69 30.29
C SER F 56 13.75 -16.71 30.87
N ASN F 57 13.63 -15.50 30.35
CA ASN F 57 12.72 -14.50 30.91
C ASN F 57 11.43 -14.44 30.11
N ARG F 58 10.30 -14.46 30.81
CA ARG F 58 9.00 -14.36 30.17
C ARG F 58 8.66 -12.92 29.82
N ALA F 59 8.03 -12.73 28.66
CA ALA F 59 7.52 -11.42 28.27
C ALA F 59 6.30 -11.07 29.12
N SER F 60 5.91 -9.79 29.08
CA SER F 60 4.94 -9.25 30.02
C SER F 60 3.54 -9.87 29.91
N GLY F 61 3.25 -10.61 28.85
CA GLY F 61 1.92 -11.20 28.71
C GLY F 61 1.90 -12.71 28.64
N VAL F 62 3.03 -13.35 28.95
CA VAL F 62 3.19 -14.78 28.74
C VAL F 62 2.72 -15.59 29.93
N PRO F 63 1.90 -16.62 29.72
CA PRO F 63 1.49 -17.50 30.82
C PRO F 63 2.68 -18.21 31.46
N ASP F 64 2.49 -18.60 32.72
CA ASP F 64 3.56 -19.22 33.50
C ASP F 64 3.95 -20.61 32.99
N ARG F 65 3.10 -21.25 32.17
CA ARG F 65 3.45 -22.58 31.68
C ARG F 65 4.64 -22.53 30.74
N PHE F 66 4.84 -21.40 30.05
CA PHE F 66 5.98 -21.23 29.17
C PHE F 66 7.23 -20.92 30.00
N SER F 67 8.31 -21.64 29.70
CA SER F 67 9.60 -21.42 30.34
C SER F 67 10.71 -21.70 29.34
N GLY F 68 11.82 -21.01 29.51
CA GLY F 68 12.99 -21.20 28.67
C GLY F 68 14.18 -21.59 29.52
N SER F 69 15.01 -22.50 29.00
CA SER F 69 16.22 -22.93 29.69
C SER F 69 17.31 -23.16 28.67
N GLY F 70 18.51 -23.39 29.17
CA GLY F 70 19.68 -23.62 28.34
C GLY F 70 20.71 -22.51 28.46
N SER F 71 21.89 -22.80 27.94
CA SER F 71 23.00 -21.87 27.98
C SER F 71 23.99 -22.24 26.89
N GLY F 72 24.83 -21.29 26.52
CA GLY F 72 25.85 -21.54 25.52
C GLY F 72 25.28 -21.79 24.13
N THR F 73 25.23 -23.06 23.73
CA THR F 73 24.72 -23.42 22.42
C THR F 73 23.45 -24.26 22.43
N ASP F 74 23.04 -24.80 23.58
CA ASP F 74 21.88 -25.67 23.68
C ASP F 74 20.81 -24.98 24.52
N PHE F 75 19.64 -24.76 23.93
CA PHE F 75 18.54 -24.08 24.59
C PHE F 75 17.26 -24.88 24.39
N THR F 76 16.30 -24.68 25.30
CA THR F 76 15.07 -25.46 25.29
C THR F 76 13.89 -24.62 25.75
N LEU F 77 12.80 -24.67 24.98
CA LEU F 77 11.53 -24.08 25.38
C LEU F 77 10.62 -25.19 25.88
N LYS F 78 10.02 -24.98 27.05
CA LYS F 78 9.25 -26.02 27.73
C LYS F 78 7.87 -25.47 28.09
N ILE F 79 6.83 -26.15 27.64
CA ILE F 79 5.45 -25.85 28.03
C ILE F 79 4.99 -26.90 29.02
N SER F 80 4.65 -26.48 30.24
CA SER F 80 4.31 -27.43 31.29
C SER F 80 2.99 -28.14 31.01
N ARG F 81 1.95 -27.36 30.71
CA ARG F 81 0.64 -27.91 30.36
C ARG F 81 0.19 -27.27 29.05
N VAL F 82 0.23 -28.04 27.96
CA VAL F 82 -0.07 -27.51 26.64
C VAL F 82 -1.58 -27.32 26.51
N GLU F 83 -2.00 -26.09 26.27
CA GLU F 83 -3.38 -25.80 25.92
C GLU F 83 -3.54 -25.84 24.40
N ALA F 84 -4.79 -25.97 23.96
CA ALA F 84 -5.05 -26.08 22.52
C ALA F 84 -4.73 -24.80 21.78
N GLU F 85 -4.74 -23.65 22.46
CA GLU F 85 -4.46 -22.37 21.84
C GLU F 85 -2.98 -22.14 21.58
N ASP F 86 -2.12 -23.05 22.02
CA ASP F 86 -0.68 -22.90 21.86
C ASP F 86 -0.17 -23.48 20.55
N VAL F 87 -1.08 -23.95 19.68
CA VAL F 87 -0.68 -24.49 18.38
C VAL F 87 -0.12 -23.36 17.52
N GLY F 88 0.92 -23.67 16.76
CA GLY F 88 1.58 -22.69 15.93
C GLY F 88 3.02 -23.11 15.69
N VAL F 89 3.80 -22.18 15.18
CA VAL F 89 5.21 -22.40 14.90
C VAL F 89 6.04 -21.60 15.89
N TYR F 90 6.96 -22.28 16.58
CA TYR F 90 7.83 -21.65 17.56
C TYR F 90 9.21 -21.46 16.96
N TYR F 91 9.73 -20.23 17.04
CA TYR F 91 11.05 -19.91 16.54
C TYR F 91 11.96 -19.49 17.69
N CYS F 92 13.20 -19.92 17.65
CA CYS F 92 14.24 -19.35 18.49
C CYS F 92 15.10 -18.41 17.66
N MET F 93 15.53 -17.32 18.28
CA MET F 93 16.26 -16.28 17.57
C MET F 93 17.44 -15.84 18.42
N GLN F 94 18.63 -15.85 17.81
CA GLN F 94 19.83 -15.38 18.50
C GLN F 94 19.99 -13.89 18.28
N THR F 95 20.38 -13.19 19.34
CA THR F 95 20.55 -11.74 19.30
C THR F 95 22.00 -11.33 19.57
N LEU F 96 22.93 -12.27 19.63
CA LEU F 96 24.34 -11.93 19.79
C LEU F 96 24.85 -11.17 18.57
N GLN F 97 24.55 -11.69 17.38
CA GLN F 97 24.84 -11.02 16.11
C GLN F 97 23.51 -10.83 15.39
N PRO F 98 22.78 -9.77 15.68
CA PRO F 98 21.43 -9.62 15.13
C PRO F 98 21.43 -9.72 13.62
N PHE F 99 20.56 -10.58 13.08
CA PHE F 99 19.69 -11.48 13.82
C PHE F 99 19.69 -12.83 13.10
N THR F 100 19.24 -13.90 13.76
CA THR F 100 19.08 -15.18 13.07
C THR F 100 17.97 -16.00 13.71
N PHE F 101 17.01 -16.43 12.91
CA PHE F 101 15.93 -17.31 13.35
C PHE F 101 16.31 -18.76 13.11
N GLY F 102 15.75 -19.65 13.92
CA GLY F 102 15.74 -21.06 13.59
C GLY F 102 14.74 -21.33 12.47
N GLN F 103 14.71 -22.57 12.02
CA GLN F 103 13.79 -22.92 10.94
C GLN F 103 12.36 -23.10 11.42
N GLY F 104 12.12 -23.03 12.73
CA GLY F 104 10.79 -23.14 13.27
C GLY F 104 10.37 -24.56 13.62
N THR F 105 9.65 -24.71 14.72
CA THR F 105 9.07 -26.00 15.12
C THR F 105 7.56 -25.86 15.16
N ARG F 106 6.86 -26.69 14.39
CA ARG F 106 5.41 -26.62 14.27
C ARG F 106 4.78 -27.52 15.34
N LEU F 107 4.10 -26.89 16.30
CA LEU F 107 3.40 -27.61 17.36
C LEU F 107 2.00 -27.98 16.87
N GLU F 108 1.67 -29.26 16.92
CA GLU F 108 0.44 -29.76 16.34
C GLU F 108 -0.35 -30.55 17.39
N ILE F 109 -1.59 -30.88 17.05
CA ILE F 109 -2.50 -31.57 17.96
C ILE F 109 -2.43 -33.06 17.70
N LYS F 110 -2.18 -33.84 18.75
CA LYS F 110 -2.18 -35.28 18.65
C LYS F 110 -3.59 -35.83 18.86
N ARG F 111 -3.99 -36.77 18.01
CA ARG F 111 -5.31 -37.39 18.12
C ARG F 111 -5.16 -38.88 17.85
N THR F 112 -6.29 -39.59 17.92
CA THR F 112 -6.31 -41.01 17.61
C THR F 112 -6.02 -41.24 16.13
N VAL F 113 -5.45 -42.41 15.84
CA VAL F 113 -5.10 -42.75 14.46
C VAL F 113 -6.36 -42.81 13.62
N ALA F 114 -6.29 -42.23 12.42
CA ALA F 114 -7.39 -42.22 11.47
C ALA F 114 -6.91 -42.75 10.13
N ALA F 115 -7.73 -43.60 9.51
CA ALA F 115 -7.29 -44.15 8.25
C ALA F 115 -7.69 -43.23 7.09
N PRO F 116 -6.87 -43.16 6.04
CA PRO F 116 -7.19 -42.29 4.91
C PRO F 116 -8.22 -42.93 3.98
N SER F 117 -9.24 -42.15 3.61
CA SER F 117 -10.14 -42.53 2.54
C SER F 117 -9.47 -42.27 1.20
N VAL F 118 -9.29 -43.31 0.40
CA VAL F 118 -8.50 -43.24 -0.83
C VAL F 118 -9.44 -43.17 -2.03
N PHE F 119 -9.23 -42.17 -2.87
CA PHE F 119 -9.97 -42.00 -4.12
C PHE F 119 -8.99 -41.68 -5.23
N ILE F 120 -9.32 -42.11 -6.45
CA ILE F 120 -8.47 -41.90 -7.61
C ILE F 120 -9.32 -41.27 -8.73
N PHE F 121 -8.75 -40.29 -9.41
CA PHE F 121 -9.45 -39.56 -10.47
C PHE F 121 -8.72 -39.78 -11.80
N PRO F 122 -9.38 -40.33 -12.81
CA PRO F 122 -8.74 -40.44 -14.13
C PRO F 122 -8.63 -39.08 -14.80
N PRO F 123 -7.79 -38.95 -15.83
CA PRO F 123 -7.67 -37.66 -16.51
C PRO F 123 -8.93 -37.31 -17.28
N SER F 124 -9.22 -36.02 -17.35
CA SER F 124 -10.39 -35.52 -18.05
C SER F 124 -10.17 -35.56 -19.57
N ASP F 125 -11.28 -35.51 -20.30
CA ASP F 125 -11.19 -35.48 -21.75
C ASP F 125 -10.57 -34.18 -22.25
N GLU F 126 -10.84 -33.07 -21.56
CA GLU F 126 -10.25 -31.79 -21.95
C GLU F 126 -8.72 -31.87 -21.92
N GLN F 127 -8.16 -32.37 -20.82
CA GLN F 127 -6.70 -32.45 -20.72
C GLN F 127 -6.14 -33.42 -21.74
N LEU F 128 -6.85 -34.53 -22.01
CA LEU F 128 -6.39 -35.44 -23.04
C LEU F 128 -6.34 -34.75 -24.40
N LYS F 129 -7.35 -33.95 -24.73
CA LYS F 129 -7.31 -33.16 -25.95
C LYS F 129 -6.17 -32.16 -25.93
N SER F 130 -5.83 -31.63 -24.75
CA SER F 130 -4.71 -30.70 -24.65
C SER F 130 -3.38 -31.34 -25.02
N GLY F 131 -3.25 -32.65 -24.79
CA GLY F 131 -2.03 -33.38 -25.11
C GLY F 131 -1.28 -33.93 -23.91
N THR F 132 -1.82 -33.81 -22.70
CA THR F 132 -1.20 -34.34 -21.49
C THR F 132 -2.25 -35.16 -20.74
N ALA F 133 -1.82 -35.81 -19.66
CA ALA F 133 -2.71 -36.62 -18.85
C ALA F 133 -2.21 -36.61 -17.40
N SER F 134 -3.07 -36.17 -16.49
CA SER F 134 -2.74 -36.11 -15.06
C SER F 134 -3.73 -36.97 -14.30
N VAL F 135 -3.22 -37.92 -13.52
CA VAL F 135 -4.02 -38.76 -12.65
C VAL F 135 -3.84 -38.28 -11.21
N VAL F 136 -4.94 -38.18 -10.48
CA VAL F 136 -4.94 -37.60 -9.13
C VAL F 136 -5.37 -38.68 -8.14
N CYS F 137 -4.53 -38.90 -7.13
CA CYS F 137 -4.82 -39.79 -6.01
C CYS F 137 -5.06 -38.92 -4.78
N LEU F 138 -6.21 -39.12 -4.13
CA LEU F 138 -6.65 -38.26 -3.05
C LEU F 138 -6.74 -39.06 -1.76
N LEU F 139 -6.13 -38.54 -0.70
CA LEU F 139 -6.19 -39.13 0.64
C LEU F 139 -6.89 -38.15 1.56
N ASN F 140 -7.99 -38.57 2.17
CA ASN F 140 -8.89 -37.67 2.90
C ASN F 140 -8.92 -38.00 4.38
N ASN F 141 -8.65 -37.00 5.21
CA ASN F 141 -8.87 -37.03 6.66
C ASN F 141 -8.20 -38.24 7.31
N PHE F 142 -6.87 -38.21 7.29
CA PHE F 142 -6.07 -39.23 7.97
C PHE F 142 -5.23 -38.61 9.07
N TYR F 143 -4.66 -39.47 9.91
CA TYR F 143 -3.74 -39.05 10.95
C TYR F 143 -2.91 -40.25 11.38
N PRO F 144 -1.59 -40.10 11.58
CA PRO F 144 -0.80 -38.87 11.46
C PRO F 144 -0.49 -38.47 10.01
N ARG F 145 0.39 -37.49 9.84
CA ARG F 145 0.70 -37.00 8.49
C ARG F 145 1.50 -38.03 7.69
N GLU F 146 2.29 -38.87 8.35
CA GLU F 146 3.16 -39.80 7.65
C GLU F 146 2.35 -40.72 6.75
N ALA F 147 2.64 -40.68 5.45
CA ALA F 147 1.93 -41.49 4.47
C ALA F 147 2.80 -41.65 3.23
N LYS F 148 2.91 -42.87 2.73
CA LYS F 148 3.72 -43.17 1.55
C LYS F 148 2.78 -43.47 0.39
N VAL F 149 2.90 -42.70 -0.69
CA VAL F 149 2.11 -42.88 -1.90
C VAL F 149 3.03 -43.38 -3.00
N GLN F 150 2.62 -44.47 -3.67
CA GLN F 150 3.42 -45.08 -4.72
C GLN F 150 2.54 -45.29 -5.95
N TRP F 151 2.93 -44.68 -7.06
CA TRP F 151 2.21 -44.86 -8.33
C TRP F 151 2.76 -46.07 -9.07
N LYS F 152 1.87 -46.83 -9.69
CA LYS F 152 2.24 -47.98 -10.48
C LYS F 152 1.44 -47.98 -11.78
N VAL F 153 2.15 -48.05 -12.90
CA VAL F 153 1.54 -48.13 -14.23
C VAL F 153 1.82 -49.52 -14.79
N ASP F 154 0.75 -50.29 -15.03
CA ASP F 154 0.87 -51.68 -15.45
C ASP F 154 1.79 -52.46 -14.52
N ASN F 155 1.59 -52.25 -13.22
CA ASN F 155 2.39 -52.91 -12.18
C ASN F 155 3.87 -52.60 -12.33
N ALA F 156 4.18 -51.34 -12.61
CA ALA F 156 5.56 -50.87 -12.71
C ALA F 156 5.68 -49.58 -11.90
N LEU F 157 6.58 -49.58 -10.93
CA LEU F 157 6.73 -48.44 -10.03
C LEU F 157 7.20 -47.20 -10.79
N GLN F 158 6.51 -46.09 -10.61
CA GLN F 158 6.90 -44.82 -11.20
C GLN F 158 7.72 -44.01 -10.20
N SER F 159 8.63 -43.20 -10.73
CA SER F 159 9.49 -42.38 -9.89
C SER F 159 9.85 -41.10 -10.63
N GLY F 160 9.85 -39.98 -9.91
CA GLY F 160 10.25 -38.72 -10.47
C GLY F 160 9.27 -38.08 -11.44
N ASN F 161 8.04 -38.58 -11.50
CA ASN F 161 7.01 -38.00 -12.36
C ASN F 161 5.71 -37.74 -11.60
N SER F 162 5.77 -37.71 -10.27
CA SER F 162 4.62 -37.39 -9.44
C SER F 162 5.00 -36.29 -8.46
N GLN F 163 3.97 -35.59 -7.98
CA GLN F 163 4.13 -34.52 -6.99
C GLN F 163 2.99 -34.60 -5.99
N GLU F 164 3.30 -34.26 -4.74
CA GLU F 164 2.34 -34.36 -3.66
C GLU F 164 2.19 -33.01 -2.96
N SER F 165 1.05 -32.85 -2.29
CA SER F 165 0.82 -31.69 -1.44
C SER F 165 -0.04 -32.11 -0.25
N VAL F 166 0.18 -31.46 0.88
CA VAL F 166 -0.49 -31.79 2.12
C VAL F 166 -1.12 -30.54 2.71
N THR F 167 -2.34 -30.68 3.22
CA THR F 167 -3.02 -29.56 3.87
C THR F 167 -2.53 -29.41 5.31
N GLU F 168 -2.82 -28.25 5.88
CA GLU F 168 -2.56 -28.05 7.30
C GLU F 168 -3.56 -28.87 8.13
N GLN F 169 -3.23 -29.04 9.41
CA GLN F 169 -4.10 -29.80 10.29
C GLN F 169 -5.45 -29.10 10.43
N ASP F 170 -6.53 -29.86 10.30
CA ASP F 170 -7.87 -29.29 10.34
C ASP F 170 -8.22 -28.81 11.75
N SER F 171 -8.94 -27.69 11.82
CA SER F 171 -9.29 -27.10 13.11
C SER F 171 -10.39 -27.87 13.83
N LYS F 172 -11.08 -28.78 13.14
CA LYS F 172 -12.21 -29.50 13.74
C LYS F 172 -11.85 -30.95 14.04
N ASP F 173 -11.54 -31.75 13.02
CA ASP F 173 -11.22 -33.16 13.21
C ASP F 173 -9.73 -33.43 13.35
N SER F 174 -8.90 -32.38 13.22
CA SER F 174 -7.46 -32.46 13.51
C SER F 174 -6.75 -33.49 12.64
N THR F 175 -7.20 -33.66 11.41
CA THR F 175 -6.59 -34.61 10.48
C THR F 175 -5.87 -33.87 9.35
N TYR F 176 -5.25 -34.63 8.47
CA TYR F 176 -4.59 -34.11 7.29
C TYR F 176 -5.19 -34.74 6.04
N SER F 177 -5.01 -34.05 4.91
CA SER F 177 -5.37 -34.59 3.61
C SER F 177 -4.20 -34.40 2.66
N LEU F 178 -4.04 -35.34 1.74
CA LEU F 178 -2.91 -35.36 0.83
C LEU F 178 -3.41 -35.56 -0.60
N SER F 179 -2.76 -34.88 -1.54
CA SER F 179 -3.08 -34.97 -2.95
C SER F 179 -1.81 -35.26 -3.73
N SER F 180 -1.82 -36.34 -4.51
CA SER F 180 -0.68 -36.73 -5.32
C SER F 180 -1.12 -36.77 -6.78
N THR F 181 -0.33 -36.14 -7.65
CA THR F 181 -0.67 -36.01 -9.07
C THR F 181 0.39 -36.68 -9.92
N LEU F 182 0.00 -37.71 -10.67
CA LEU F 182 0.87 -38.36 -11.64
C LEU F 182 0.63 -37.75 -13.02
N THR F 183 1.69 -37.21 -13.61
CA THR F 183 1.60 -36.52 -14.89
C THR F 183 2.44 -37.24 -15.93
N LEU F 184 1.82 -37.59 -17.06
CA LEU F 184 2.51 -38.20 -18.19
C LEU F 184 1.93 -37.63 -19.48
N SER F 185 2.65 -37.87 -20.57
CA SER F 185 2.19 -37.44 -21.89
C SER F 185 1.00 -38.28 -22.36
N LYS F 186 0.22 -37.69 -23.27
CA LYS F 186 -0.93 -38.39 -23.84
C LYS F 186 -0.51 -39.69 -24.50
N ALA F 187 0.66 -39.72 -25.14
CA ALA F 187 1.13 -40.93 -25.80
C ALA F 187 1.41 -42.04 -24.79
N ASP F 188 2.26 -41.74 -23.80
CA ASP F 188 2.58 -42.73 -22.77
C ASP F 188 1.35 -43.16 -22.00
N TYR F 189 0.38 -42.25 -21.83
CA TYR F 189 -0.87 -42.63 -21.16
C TYR F 189 -1.66 -43.61 -22.02
N GLU F 190 -1.85 -43.29 -23.29
CA GLU F 190 -2.64 -44.14 -24.17
C GLU F 190 -1.95 -45.46 -24.47
N LYS F 191 -0.65 -45.58 -24.23
CA LYS F 191 0.04 -46.85 -24.46
C LYS F 191 -0.36 -47.90 -23.42
N HIS F 192 -0.42 -47.50 -22.14
CA HIS F 192 -0.61 -48.43 -21.05
C HIS F 192 -2.09 -48.50 -20.64
N LYS F 193 -2.39 -49.40 -19.70
CA LYS F 193 -3.78 -49.69 -19.38
C LYS F 193 -4.12 -49.52 -17.90
N VAL F 194 -3.30 -50.07 -17.01
CA VAL F 194 -3.60 -50.13 -15.59
C VAL F 194 -2.89 -48.99 -14.87
N TYR F 195 -3.65 -48.19 -14.12
CA TYR F 195 -3.11 -47.08 -13.34
C TYR F 195 -3.62 -47.23 -11.91
N ALA F 196 -2.70 -47.12 -10.95
CA ALA F 196 -3.05 -47.34 -9.55
C ALA F 196 -2.09 -46.58 -8.64
N CYS F 197 -2.62 -46.12 -7.52
CA CYS F 197 -1.80 -45.57 -6.43
C CYS F 197 -1.97 -46.47 -5.21
N GLU F 198 -0.85 -46.84 -4.60
CA GLU F 198 -0.84 -47.68 -3.41
C GLU F 198 -0.47 -46.83 -2.21
N VAL F 199 -1.35 -46.80 -1.21
CA VAL F 199 -1.21 -45.96 -0.04
C VAL F 199 -0.81 -46.83 1.15
N THR F 200 0.28 -46.47 1.81
CA THR F 200 0.71 -47.11 3.05
C THR F 200 0.55 -46.11 4.19
N HIS F 201 -0.16 -46.50 5.24
CA HIS F 201 -0.41 -45.62 6.36
C HIS F 201 -0.52 -46.46 7.63
N GLN F 202 -0.26 -45.81 8.77
CA GLN F 202 -0.28 -46.50 10.05
C GLN F 202 -1.66 -47.06 10.38
N GLY F 203 -2.72 -46.43 9.88
CA GLY F 203 -4.07 -46.88 10.17
C GLY F 203 -4.60 -47.88 9.17
N LEU F 204 -3.70 -48.57 8.46
CA LEU F 204 -4.08 -49.57 7.49
C LEU F 204 -3.26 -50.83 7.75
N SER F 205 -3.96 -51.96 7.96
CA SER F 205 -3.26 -53.23 8.13
C SER F 205 -2.50 -53.62 6.87
N SER F 206 -3.16 -53.56 5.72
CA SER F 206 -2.54 -53.81 4.43
C SER F 206 -2.60 -52.55 3.57
N PRO F 207 -1.62 -52.36 2.69
CA PRO F 207 -1.66 -51.16 1.81
C PRO F 207 -2.86 -51.16 0.90
N VAL F 208 -3.72 -50.15 1.07
CA VAL F 208 -4.89 -50.00 0.22
C VAL F 208 -4.46 -49.49 -1.14
N THR F 209 -5.10 -49.99 -2.19
CA THR F 209 -4.79 -49.61 -3.56
C THR F 209 -6.07 -49.27 -4.31
N LYS F 210 -6.10 -48.09 -4.91
CA LYS F 210 -7.20 -47.67 -5.77
C LYS F 210 -6.69 -47.62 -7.21
N SER F 211 -7.49 -48.17 -8.13
CA SER F 211 -7.01 -48.37 -9.49
C SER F 211 -8.15 -48.20 -10.49
N PHE F 212 -7.77 -47.97 -11.75
CA PHE F 212 -8.71 -47.95 -12.86
C PHE F 212 -7.98 -48.42 -14.10
N ASN F 213 -8.75 -48.72 -15.14
CA ASN F 213 -8.18 -49.14 -16.43
C ASN F 213 -8.40 -48.05 -17.48
N ARG F 214 -7.36 -47.80 -18.28
CA ARG F 214 -7.45 -46.80 -19.33
C ARG F 214 -8.51 -47.17 -20.35
N GLY F 215 -9.27 -46.17 -20.79
CA GLY F 215 -10.33 -46.40 -21.77
C GLY F 215 -11.57 -47.05 -21.23
N GLU F 216 -11.49 -47.71 -20.07
CA GLU F 216 -12.65 -48.32 -19.46
C GLU F 216 -13.27 -47.33 -18.48
N CYS F 217 -14.14 -47.81 -17.61
CA CYS F 217 -14.79 -46.96 -16.63
C CYS F 217 -14.73 -47.61 -15.25
C1 GOL G . -33.73 29.86 1.45
O1 GOL G . -33.73 28.70 2.24
C2 GOL G . -32.56 30.75 1.94
O2 GOL G . -32.79 31.26 3.22
C3 GOL G . -32.42 31.88 0.88
O3 GOL G . -31.30 31.60 0.09
C1 GOL H . -19.19 2.75 38.39
O1 GOL H . -19.26 3.41 37.16
C2 GOL H . -20.53 1.97 38.57
O2 GOL H . -21.63 2.79 38.37
C3 GOL H . -20.45 0.80 37.55
O3 GOL H . -21.49 -0.07 37.85
C1 GOL I . 18.71 -7.78 23.34
O1 GOL I . 19.98 -7.73 22.75
C2 GOL I . 18.03 -9.11 22.92
O2 GOL I . 16.65 -8.99 22.76
C3 GOL I . 18.39 -10.13 24.02
O3 GOL I . 18.08 -11.41 23.53
C1 GOL J . 1.18 9.82 13.12
O1 GOL J . 1.63 9.64 14.44
C2 GOL J . 1.42 8.49 12.36
O2 GOL J . 0.37 8.18 11.50
C3 GOL J . 2.76 8.69 11.59
O3 GOL J . 3.08 7.47 10.98
#